data_3VW2
#
_entry.id   3VW2
#
_cell.length_a   43.817
_cell.length_b   54.623
_cell.length_c   92.291
_cell.angle_alpha   104.970
_cell.angle_beta   97.740
_cell.angle_gamma   90.040
#
_symmetry.space_group_name_H-M   'P 1'
#
loop_
_entity.id
_entity.type
_entity.pdbx_description
1 polymer 'Putative regulatory protein'
2 non-polymer BERBERINE
3 non-polymer 'SULFATE ION'
4 water water
#
_entity_poly.entity_id   1
_entity_poly.type   'polypeptide(L)'
_entity_poly.pdbx_seq_one_letter_code
;MVARPKSEDKKQALLEAATQAIAQSGIAASTAVIARNAGVAEGTLFRYFATKDELINTLYLHLKQDLCQSMIMELDRSIT
DAKMMTRFIWNSYISWGLNHPARHRAIRQLAVSEKLTKETEQRADDMFPELRDLCHRSVLMVFMSDEYRAFGDGLFLALA
ETTMDFAARDPARAGEYIALGFEAMWRALTREEQ
;
_entity_poly.pdbx_strand_id   A,B,C,D
#
# COMPACT_ATOMS: atom_id res chain seq x y z
N ASP A 9 -7.34 1.98 49.12
CA ASP A 9 -6.73 1.83 47.75
C ASP A 9 -7.77 1.81 46.58
N LYS A 10 -9.03 1.82 46.94
CA LYS A 10 -10.12 1.75 45.99
C LYS A 10 -10.34 3.06 45.24
N LYS A 11 -10.03 4.16 45.89
CA LYS A 11 -10.22 5.47 45.32
C LYS A 11 -9.40 5.56 44.04
N GLN A 12 -8.09 5.26 44.18
CA GLN A 12 -7.18 5.19 43.07
C GLN A 12 -7.59 4.20 41.93
N ALA A 13 -8.18 3.08 42.28
CA ALA A 13 -8.69 2.11 41.30
C ALA A 13 -9.88 2.72 40.54
N LEU A 14 -10.71 3.49 41.25
CA LEU A 14 -11.83 4.16 40.65
C LEU A 14 -11.40 5.27 39.70
N LEU A 15 -10.39 6.01 40.11
CA LEU A 15 -9.81 7.08 39.29
C LEU A 15 -9.23 6.49 38.01
N GLU A 16 -8.43 5.46 38.17
CA GLU A 16 -7.79 4.80 37.05
C GLU A 16 -8.84 4.16 36.11
N ALA A 17 -9.84 3.49 36.69
CA ALA A 17 -10.92 2.91 35.91
C ALA A 17 -11.74 4.03 35.13
N ALA A 18 -12.04 5.13 35.80
CA ALA A 18 -12.82 6.23 35.22
C ALA A 18 -11.96 6.88 34.18
N THR A 19 -10.63 6.88 34.39
CA THR A 19 -9.74 7.38 33.34
C THR A 19 -9.92 6.54 32.12
N GLN A 20 -9.85 5.23 32.27
CA GLN A 20 -10.01 4.35 31.08
C GLN A 20 -11.44 4.50 30.42
N ALA A 21 -12.49 4.49 31.21
CA ALA A 21 -13.86 4.57 30.67
C ALA A 21 -14.19 5.88 29.94
N ILE A 22 -13.87 6.98 30.57
CA ILE A 22 -14.08 8.26 29.97
C ILE A 22 -13.24 8.44 28.73
N ALA A 23 -12.05 7.87 28.71
CA ALA A 23 -11.19 7.98 27.51
C ALA A 23 -11.86 7.25 26.35
N GLN A 24 -12.67 6.24 26.67
CA GLN A 24 -13.30 5.48 25.62
C GLN A 24 -14.70 5.97 25.24
N SER A 25 -15.45 6.55 26.18
CA SER A 25 -16.85 6.98 25.94
C SER A 25 -17.14 8.47 26.37
N GLY A 26 -16.15 9.24 26.77
CA GLY A 26 -16.37 10.60 27.28
C GLY A 26 -17.10 10.58 28.60
N ILE A 27 -17.73 11.68 28.97
CA ILE A 27 -18.41 11.79 30.25
C ILE A 27 -19.69 11.00 30.33
N ALA A 28 -20.22 10.58 29.19
CA ALA A 28 -21.34 9.60 29.14
C ALA A 28 -20.97 8.25 29.80
N ALA A 29 -19.66 7.93 29.92
CA ALA A 29 -19.22 6.69 30.57
C ALA A 29 -20.07 6.39 31.81
N SER A 30 -20.50 5.15 31.93
CA SER A 30 -21.27 4.68 33.05
C SER A 30 -20.49 4.48 34.35
N THR A 31 -21.08 4.89 35.44
CA THR A 31 -20.51 4.62 36.77
C THR A 31 -20.53 3.13 37.12
N ALA A 32 -21.46 2.40 36.50
CA ALA A 32 -21.55 0.98 36.79
C ALA A 32 -20.35 0.28 36.13
N VAL A 33 -20.05 0.66 34.89
CA VAL A 33 -18.89 0.16 34.20
C VAL A 33 -17.58 0.52 34.92
N ILE A 34 -17.43 1.79 35.28
CA ILE A 34 -16.25 2.25 36.00
C ILE A 34 -16.05 1.45 37.31
N ALA A 35 -17.12 1.19 38.05
CA ALA A 35 -17.00 0.54 39.38
C ALA A 35 -16.56 -0.90 39.21
N ARG A 36 -17.23 -1.59 38.29
CA ARG A 36 -16.98 -2.98 38.00
C ARG A 36 -15.53 -3.13 37.55
N ASN A 37 -15.07 -2.26 36.63
CA ASN A 37 -13.73 -2.38 36.09
C ASN A 37 -12.67 -2.08 37.16
N ALA A 38 -13.02 -1.27 38.15
CA ALA A 38 -12.12 -1.03 39.25
C ALA A 38 -12.24 -2.13 40.29
N GLY A 39 -13.04 -3.16 40.01
CA GLY A 39 -13.26 -4.25 40.98
C GLY A 39 -13.98 -3.86 42.25
N VAL A 40 -14.90 -2.90 42.17
CA VAL A 40 -15.72 -2.50 43.32
C VAL A 40 -17.22 -2.36 42.89
N ALA A 41 -18.09 -2.27 43.89
CA ALA A 41 -19.54 -2.17 43.63
C ALA A 41 -19.87 -0.70 43.29
N GLU A 42 -20.78 -0.51 42.35
CA GLU A 42 -21.25 0.85 42.06
C GLU A 42 -21.62 1.63 43.33
N GLY A 43 -22.29 0.95 44.26
CA GLY A 43 -22.59 1.54 45.58
C GLY A 43 -21.34 2.04 46.30
N THR A 44 -20.24 1.29 46.18
CA THR A 44 -18.99 1.74 46.78
C THR A 44 -18.41 2.96 46.02
N LEU A 45 -18.51 2.96 44.68
CA LEU A 45 -18.10 4.16 43.87
C LEU A 45 -18.75 5.43 44.43
N PHE A 46 -20.07 5.35 44.65
CA PHE A 46 -20.83 6.45 45.19
C PHE A 46 -20.58 6.84 46.64
N ARG A 47 -19.91 5.99 47.40
CA ARG A 47 -19.55 6.39 48.76
C ARG A 47 -18.24 7.19 48.78
N TYR A 48 -17.40 6.91 47.77
CA TYR A 48 -16.15 7.66 47.53
C TYR A 48 -16.44 8.96 46.80
N PHE A 49 -17.50 8.95 45.99
CA PHE A 49 -17.88 10.12 45.21
C PHE A 49 -19.40 10.22 45.25
N ALA A 50 -19.91 11.12 46.05
CA ALA A 50 -21.36 11.29 46.28
C ALA A 50 -22.10 11.44 44.96
N THR A 51 -21.47 12.11 43.98
CA THR A 51 -22.10 12.27 42.68
C THR A 51 -21.11 11.97 41.55
N LYS A 52 -21.64 11.77 40.36
CA LYS A 52 -20.86 11.48 39.23
C LYS A 52 -19.95 12.69 38.94
N ASP A 53 -20.54 13.86 39.05
CA ASP A 53 -19.87 15.15 38.82
C ASP A 53 -18.76 15.39 39.78
N GLU A 54 -18.91 14.85 40.99
CA GLU A 54 -17.86 14.93 41.93
C GLU A 54 -16.67 14.06 41.48
N LEU A 55 -16.97 12.92 40.86
CA LEU A 55 -15.96 12.04 40.33
C LEU A 55 -15.25 12.70 39.15
N ILE A 56 -16.03 13.39 38.32
CA ILE A 56 -15.50 14.05 37.19
C ILE A 56 -14.44 15.11 37.61
N ASN A 57 -14.77 15.91 38.63
CA ASN A 57 -13.96 17.02 39.13
C ASN A 57 -12.68 16.53 39.75
N THR A 58 -12.77 15.51 40.58
CA THR A 58 -11.59 14.97 41.23
C THR A 58 -10.67 14.38 40.13
N LEU A 59 -11.23 13.55 39.24
CA LEU A 59 -10.47 12.95 38.17
C LEU A 59 -9.70 13.99 37.37
N TYR A 60 -10.38 15.09 37.07
CA TYR A 60 -9.76 16.11 36.31
C TYR A 60 -8.56 16.73 37.06
N LEU A 61 -8.74 17.05 38.33
CA LEU A 61 -7.66 17.64 39.16
C LEU A 61 -6.48 16.64 39.22
N HIS A 62 -6.80 15.36 39.38
CA HIS A 62 -5.81 14.32 39.45
C HIS A 62 -5.02 14.23 38.16
N LEU A 63 -5.71 14.25 37.01
CA LEU A 63 -5.01 14.14 35.75
C LEU A 63 -4.20 15.41 35.44
N LYS A 64 -4.78 16.53 35.78
CA LYS A 64 -4.15 17.78 35.50
C LYS A 64 -2.83 17.86 36.29
N GLN A 65 -2.85 17.36 37.51
CA GLN A 65 -1.72 17.37 38.41
C GLN A 65 -0.63 16.55 37.80
N ASP A 66 -1.01 15.36 37.32
CA ASP A 66 -0.06 14.47 36.72
C ASP A 66 0.64 15.15 35.51
N LEU A 67 -0.17 15.68 34.59
CA LEU A 67 0.34 16.30 33.38
C LEU A 67 1.30 17.46 33.79
N CYS A 68 0.81 18.34 34.67
CA CYS A 68 1.61 19.45 35.15
C CYS A 68 2.97 19.00 35.81
N GLN A 69 2.93 17.98 36.61
CA GLN A 69 4.10 17.46 37.23
C GLN A 69 5.11 17.02 36.18
N SER A 70 4.58 16.39 35.13
CA SER A 70 5.41 15.96 34.04
C SER A 70 5.97 17.12 33.23
N MET A 71 5.20 18.18 32.99
CA MET A 71 5.77 19.30 32.27
C MET A 71 6.84 20.11 33.10
N ILE A 72 6.65 20.15 34.41
CA ILE A 72 7.54 20.86 35.30
C ILE A 72 8.88 20.14 35.30
N MET A 73 8.88 18.81 35.44
CA MET A 73 10.08 17.95 35.38
C MET A 73 10.87 17.96 34.06
N GLU A 74 10.46 18.78 33.12
CA GLU A 74 11.09 18.76 31.79
C GLU A 74 11.34 20.15 31.42
N LEU A 75 10.85 21.04 32.27
CA LEU A 75 10.97 22.42 32.05
C LEU A 75 12.47 22.82 32.18
N ASP A 76 13.05 23.28 31.09
CA ASP A 76 14.40 23.79 31.11
C ASP A 76 14.43 25.30 31.26
N ARG A 77 14.88 25.76 32.43
CA ARG A 77 15.07 27.20 32.75
C ARG A 77 16.09 27.95 31.83
N SER A 78 17.01 27.23 31.19
CA SER A 78 17.91 27.87 30.27
C SER A 78 17.21 28.43 29.02
N ILE A 79 16.01 27.96 28.68
CA ILE A 79 15.38 28.42 27.44
C ILE A 79 14.88 29.80 27.73
N THR A 80 15.15 30.77 26.88
CA THR A 80 14.82 32.16 27.24
C THR A 80 13.90 32.91 26.21
N ASP A 81 13.85 32.39 25.01
CA ASP A 81 12.99 32.86 23.98
C ASP A 81 11.55 32.37 24.24
N ALA A 82 10.58 33.26 24.16
CA ALA A 82 9.21 32.93 24.60
C ALA A 82 8.57 31.83 23.71
N LYS A 83 8.73 31.93 22.40
CA LYS A 83 8.14 30.99 21.53
C LYS A 83 8.86 29.63 21.70
N MET A 84 10.17 29.68 21.92
CA MET A 84 10.98 28.48 22.04
C MET A 84 10.59 27.72 23.28
N MET A 85 10.32 28.47 24.33
CA MET A 85 9.86 27.93 25.59
C MET A 85 8.45 27.37 25.45
N THR A 86 7.60 28.04 24.67
CA THR A 86 6.28 27.44 24.40
C THR A 86 6.37 26.11 23.56
N ARG A 87 7.28 26.04 22.63
CA ARG A 87 7.49 24.84 21.90
C ARG A 87 7.95 23.66 22.76
N PHE A 88 8.78 23.94 23.75
CA PHE A 88 9.33 22.77 24.58
C PHE A 88 8.28 22.24 25.46
N ILE A 89 7.36 23.10 25.84
CA ILE A 89 6.20 22.71 26.64
C ILE A 89 5.14 21.88 25.82
N TRP A 90 4.90 22.30 24.58
CA TRP A 90 4.04 21.58 23.63
C TRP A 90 4.58 20.21 23.44
N ASN A 91 5.86 20.11 23.23
CA ASN A 91 6.55 18.82 23.16
C ASN A 91 6.31 17.94 24.30
N SER A 92 6.39 18.48 25.52
CA SER A 92 6.11 17.75 26.78
C SER A 92 4.67 17.29 26.85
N TYR A 93 3.72 18.19 26.53
CA TYR A 93 2.28 17.81 26.51
C TYR A 93 2.13 16.67 25.59
N ILE A 94 2.68 16.80 24.42
CA ILE A 94 2.60 15.74 23.42
C ILE A 94 3.21 14.40 23.84
N SER A 95 4.42 14.40 24.35
CA SER A 95 5.08 13.10 24.77
C SER A 95 4.31 12.54 25.96
N TRP A 96 3.86 13.43 26.83
CA TRP A 96 2.95 12.98 27.91
C TRP A 96 1.69 12.24 27.33
N GLY A 97 1.10 12.77 26.25
CA GLY A 97 -0.09 12.12 25.70
C GLY A 97 0.27 10.88 24.97
N LEU A 98 1.52 10.82 24.50
CA LEU A 98 2.02 9.65 23.76
C LEU A 98 2.29 8.53 24.72
N ASN A 99 2.74 8.89 25.93
CA ASN A 99 3.02 7.91 27.02
C ASN A 99 1.77 7.49 27.68
N HIS A 100 0.74 8.38 27.70
CA HIS A 100 -0.50 8.07 28.42
C HIS A 100 -1.74 8.42 27.55
N PRO A 101 -2.01 7.66 26.51
CA PRO A 101 -3.12 7.89 25.59
C PRO A 101 -4.47 8.06 26.28
N ALA A 102 -4.74 7.21 27.27
CA ALA A 102 -6.02 7.24 27.95
C ALA A 102 -6.14 8.51 28.82
N ARG A 103 -5.06 8.87 29.54
CA ARG A 103 -5.10 10.02 30.39
C ARG A 103 -5.36 11.27 29.59
N HIS A 104 -4.73 11.39 28.42
CA HIS A 104 -4.96 12.56 27.59
C HIS A 104 -6.44 12.62 27.01
N ARG A 105 -6.96 11.49 26.58
CA ARG A 105 -8.32 11.49 26.04
C ARG A 105 -9.27 11.89 27.10
N ALA A 106 -9.15 11.23 28.25
CA ALA A 106 -9.92 11.62 29.41
C ALA A 106 -9.82 13.12 29.67
N ILE A 107 -8.57 13.61 29.79
CA ILE A 107 -8.40 15.04 30.22
C ILE A 107 -9.06 15.96 29.19
N ARG A 108 -8.90 15.62 27.92
CA ARG A 108 -9.47 16.42 26.86
C ARG A 108 -10.99 16.45 26.97
N GLN A 109 -11.60 15.29 27.25
CA GLN A 109 -13.09 15.17 27.45
C GLN A 109 -13.54 15.82 28.71
N LEU A 110 -12.74 15.74 29.77
CA LEU A 110 -13.15 16.36 31.04
C LEU A 110 -13.06 17.87 30.91
N ALA A 111 -11.88 18.34 30.45
CA ALA A 111 -11.61 19.80 30.31
C ALA A 111 -12.70 20.58 29.60
N VAL A 112 -13.39 19.96 28.65
CA VAL A 112 -14.40 20.65 27.90
C VAL A 112 -15.84 20.13 28.17
N SER A 113 -16.05 19.54 29.35
CA SER A 113 -17.30 18.88 29.71
C SER A 113 -18.38 19.78 30.35
N GLU A 114 -18.06 21.04 30.65
CA GLU A 114 -19.01 21.94 31.37
C GLU A 114 -19.46 21.44 32.73
N LYS A 115 -18.83 20.39 33.23
CA LYS A 115 -19.17 19.88 34.56
C LYS A 115 -18.11 20.18 35.60
N LEU A 116 -17.08 20.90 35.20
CA LEU A 116 -16.03 21.32 36.12
C LEU A 116 -16.51 22.55 36.89
N THR A 117 -16.36 22.52 38.21
CA THR A 117 -16.75 23.66 39.05
C THR A 117 -15.76 24.86 38.95
N LYS A 118 -16.24 26.04 39.36
CA LYS A 118 -15.38 27.22 39.41
C LYS A 118 -14.11 26.99 40.20
N GLU A 119 -14.26 26.39 41.39
CA GLU A 119 -13.11 26.14 42.25
C GLU A 119 -12.16 25.13 41.64
N THR A 120 -12.69 24.17 40.89
CA THR A 120 -11.88 23.20 40.19
C THR A 120 -11.02 23.87 39.15
N GLU A 121 -11.65 24.73 38.36
CA GLU A 121 -10.97 25.52 37.36
C GLU A 121 -9.87 26.39 37.97
N GLN A 122 -10.21 27.05 39.07
CA GLN A 122 -9.27 27.88 39.79
C GLN A 122 -8.11 27.04 40.31
N ARG A 123 -8.45 25.99 41.04
CA ARG A 123 -7.42 25.16 41.65
C ARG A 123 -6.52 24.53 40.61
N ALA A 124 -7.01 24.39 39.37
CA ALA A 124 -6.19 23.83 38.27
C ALA A 124 -5.22 24.85 37.65
N ASP A 125 -5.71 26.09 37.44
CA ASP A 125 -4.87 27.20 36.93
C ASP A 125 -3.71 27.56 37.86
N ASP A 126 -3.88 27.33 39.16
CA ASP A 126 -2.90 27.65 40.19
C ASP A 126 -2.00 26.50 40.53
N MET A 127 -1.76 25.59 39.60
CA MET A 127 -0.88 24.46 39.91
C MET A 127 0.52 24.76 39.45
N PHE A 128 0.62 25.27 38.23
CA PHE A 128 1.88 25.67 37.62
C PHE A 128 1.77 27.17 37.28
N PRO A 129 1.77 28.04 38.31
CA PRO A 129 1.59 29.49 38.16
C PRO A 129 2.44 30.13 37.05
N GLU A 130 3.74 29.81 37.01
CA GLU A 130 4.61 30.34 35.98
C GLU A 130 4.30 29.78 34.58
N LEU A 131 3.96 28.51 34.44
CA LEU A 131 3.49 28.03 33.10
C LEU A 131 2.19 28.69 32.64
N ARG A 132 1.26 28.82 33.57
CA ARG A 132 0.03 29.56 33.32
C ARG A 132 0.30 30.98 32.80
N ASP A 133 1.29 31.68 33.43
CA ASP A 133 1.57 33.09 33.13
C ASP A 133 2.22 33.19 31.76
N LEU A 134 3.04 32.18 31.43
CA LEU A 134 3.71 32.12 30.17
C LEU A 134 2.67 32.10 29.02
N CYS A 135 1.92 31.00 28.94
CA CYS A 135 0.80 30.90 27.97
C CYS A 135 0.02 32.18 27.91
N HIS A 136 -0.41 32.65 29.06
CA HIS A 136 -1.27 33.86 29.06
C HIS A 136 -0.67 35.12 28.48
N ARG A 137 0.67 35.21 28.37
CA ARG A 137 1.30 36.37 27.70
C ARG A 137 1.12 36.30 26.19
N SER A 138 1.04 35.11 25.65
CA SER A 138 1.12 35.03 24.20
C SER A 138 -0.26 34.86 23.59
N VAL A 139 -1.17 34.25 24.34
CA VAL A 139 -2.50 33.95 23.89
C VAL A 139 -3.33 35.17 23.44
N LEU A 140 -3.96 35.02 22.31
CA LEU A 140 -4.98 35.96 21.79
C LEU A 140 -6.00 36.29 22.83
N MET A 141 -6.22 37.58 22.98
CA MET A 141 -7.08 38.14 24.01
C MET A 141 -8.38 37.47 24.11
N VAL A 142 -9.04 37.25 22.99
CA VAL A 142 -10.42 36.70 23.03
C VAL A 142 -10.34 35.29 23.67
N PHE A 143 -9.24 34.57 23.41
CA PHE A 143 -9.05 33.22 24.06
C PHE A 143 -8.69 33.32 25.54
N MET A 144 -8.69 34.53 26.12
CA MET A 144 -8.53 34.69 27.57
C MET A 144 -9.87 35.06 28.23
N SER A 145 -10.80 35.45 27.41
CA SER A 145 -12.05 36.00 27.88
C SER A 145 -12.88 34.94 28.56
N ASP A 146 -13.69 35.33 29.51
CA ASP A 146 -14.58 34.42 30.20
C ASP A 146 -15.49 33.70 29.24
N GLU A 147 -15.79 34.33 28.09
CA GLU A 147 -16.73 33.73 27.08
C GLU A 147 -16.03 32.70 26.20
N TYR A 148 -14.78 32.95 25.85
CA TYR A 148 -14.07 32.11 24.84
C TYR A 148 -12.86 31.31 25.31
N ARG A 149 -12.42 31.46 26.56
CA ARG A 149 -11.26 30.74 27.09
C ARG A 149 -11.45 29.25 26.88
N ALA A 150 -12.62 28.77 27.26
CA ALA A 150 -12.96 27.38 27.16
C ALA A 150 -12.82 26.90 25.75
N PHE A 151 -13.16 27.78 24.81
CA PHE A 151 -13.02 27.43 23.39
C PHE A 151 -11.60 27.40 22.96
N GLY A 152 -10.81 28.38 23.43
CA GLY A 152 -9.31 28.37 23.13
C GLY A 152 -8.66 27.07 23.61
N ASP A 153 -9.03 26.60 24.79
CA ASP A 153 -8.52 25.32 25.30
C ASP A 153 -8.92 24.23 24.39
N GLY A 154 -10.21 24.30 23.94
CA GLY A 154 -10.74 23.25 23.03
C GLY A 154 -9.98 23.21 21.75
N LEU A 155 -9.69 24.37 21.21
CA LEU A 155 -8.89 24.45 19.96
C LEU A 155 -7.47 23.86 20.20
N PHE A 156 -6.85 24.24 21.32
CA PHE A 156 -5.50 23.73 21.63
C PHE A 156 -5.50 22.26 21.75
N LEU A 157 -6.43 21.70 22.53
CA LEU A 157 -6.50 20.23 22.72
C LEU A 157 -6.84 19.49 21.42
N ALA A 158 -7.68 20.09 20.54
CA ALA A 158 -7.97 19.29 19.29
C ALA A 158 -6.67 19.21 18.48
N LEU A 159 -5.92 20.26 18.47
CA LEU A 159 -4.73 20.30 17.72
C LEU A 159 -3.66 19.34 18.27
N ALA A 160 -3.53 19.25 19.57
CA ALA A 160 -2.53 18.38 20.23
C ALA A 160 -2.93 16.92 20.16
N GLU A 161 -4.21 16.62 20.25
CA GLU A 161 -4.65 15.26 20.06
C GLU A 161 -4.41 14.77 18.62
N THR A 162 -4.72 15.60 17.63
CA THR A 162 -4.43 15.17 16.19
C THR A 162 -2.93 14.96 15.98
N THR A 163 -2.16 15.88 16.50
CA THR A 163 -0.70 15.73 16.40
C THR A 163 -0.31 14.38 17.10
N MET A 164 -0.89 14.11 18.26
CA MET A 164 -0.57 12.90 18.98
C MET A 164 -0.89 11.74 18.15
N ASP A 165 -2.08 11.76 17.54
CA ASP A 165 -2.58 10.63 16.76
C ASP A 165 -1.74 10.36 15.55
N PHE A 166 -1.39 11.37 14.81
CA PHE A 166 -0.58 11.12 13.62
C PHE A 166 0.83 10.64 13.99
N ALA A 167 1.32 11.10 15.12
CA ALA A 167 2.69 10.77 15.55
C ALA A 167 2.73 9.33 15.95
N ALA A 168 1.68 8.88 16.64
CA ALA A 168 1.58 7.51 17.10
C ALA A 168 1.41 6.50 16.02
N ARG A 169 0.67 6.83 14.98
CA ARG A 169 0.45 5.92 13.85
C ARG A 169 1.65 5.81 12.90
N ASP A 170 2.41 6.89 12.71
CA ASP A 170 3.49 6.94 11.77
C ASP A 170 4.69 7.57 12.47
N PRO A 171 5.27 6.86 13.47
CA PRO A 171 6.40 7.32 14.32
C PRO A 171 7.67 7.71 13.54
N ALA A 172 7.86 7.15 12.37
CA ALA A 172 8.97 7.56 11.53
C ALA A 172 8.99 9.13 11.32
N ARG A 173 7.82 9.76 11.49
CA ARG A 173 7.71 11.20 11.25
C ARG A 173 7.12 11.94 12.41
N ALA A 174 7.20 11.31 13.58
CA ALA A 174 6.64 11.88 14.78
C ALA A 174 7.11 13.28 14.99
N GLY A 175 8.42 13.48 15.10
CA GLY A 175 8.95 14.84 15.31
C GLY A 175 8.54 15.89 14.25
N GLU A 176 8.30 15.46 13.04
CA GLU A 176 7.82 16.36 11.96
C GLU A 176 6.36 16.79 12.26
N TYR A 177 5.51 15.87 12.65
CA TYR A 177 4.10 16.19 12.97
C TYR A 177 4.03 17.05 14.21
N ILE A 178 4.93 16.77 15.18
CA ILE A 178 4.87 17.50 16.45
C ILE A 178 5.27 18.90 16.17
N ALA A 179 6.33 19.08 15.39
CA ALA A 179 6.82 20.42 15.05
C ALA A 179 5.75 21.18 14.21
N LEU A 180 5.25 20.53 13.16
CA LEU A 180 4.21 21.15 12.26
C LEU A 180 3.02 21.46 13.10
N GLY A 181 2.72 20.56 14.02
CA GLY A 181 1.60 20.80 14.93
C GLY A 181 1.78 22.03 15.76
N PHE A 182 2.98 22.18 16.32
CA PHE A 182 3.22 23.37 17.22
C PHE A 182 3.06 24.64 16.43
N GLU A 183 3.64 24.68 15.25
CA GLU A 183 3.61 25.86 14.37
C GLU A 183 2.16 26.20 13.96
N ALA A 184 1.33 25.18 13.75
CA ALA A 184 -0.07 25.41 13.47
C ALA A 184 -0.73 25.98 14.66
N MET A 185 -0.50 25.37 15.85
CA MET A 185 -1.11 25.89 17.11
C MET A 185 -0.68 27.27 17.43
N TRP A 186 0.60 27.57 17.20
CA TRP A 186 1.10 28.91 17.58
C TRP A 186 0.45 30.03 16.66
N ARG A 187 0.36 29.83 15.37
CA ARG A 187 -0.28 30.83 14.50
C ARG A 187 -1.77 30.97 14.83
N ALA A 188 -2.41 29.88 15.22
CA ALA A 188 -3.84 29.89 15.53
C ALA A 188 -4.22 30.56 16.82
N LEU A 189 -3.39 30.39 17.85
CA LEU A 189 -3.82 30.89 19.14
C LEU A 189 -3.13 32.17 19.66
N THR A 190 -1.99 32.55 19.09
CA THR A 190 -1.15 33.62 19.70
C THR A 190 -1.33 35.00 19.05
N ARG A 191 -0.87 36.04 19.73
CA ARG A 191 -0.96 37.38 19.14
C ARG A 191 0.13 37.62 18.07
N GLU A 192 -0.08 38.67 17.25
CA GLU A 192 0.95 39.13 16.31
C GLU A 192 2.19 39.59 17.11
N ASP B 9 -34.41 0.76 0.52
CA ASP B 9 -33.80 -0.49 -0.02
C ASP B 9 -32.51 -0.86 0.73
N LYS B 10 -32.21 -2.17 0.78
CA LYS B 10 -31.13 -2.76 1.61
C LYS B 10 -29.68 -2.32 1.27
N LYS B 11 -29.51 -1.79 0.05
CA LYS B 11 -28.22 -1.25 -0.43
C LYS B 11 -27.93 0.10 0.26
N GLN B 12 -28.87 1.05 0.16
CA GLN B 12 -28.74 2.32 0.84
C GLN B 12 -28.79 2.11 2.36
N ALA B 13 -29.71 1.23 2.80
CA ALA B 13 -29.89 0.88 4.22
C ALA B 13 -28.60 0.35 4.84
N LEU B 14 -27.89 -0.48 4.07
CA LEU B 14 -26.54 -0.92 4.45
C LEU B 14 -25.53 0.26 4.44
N LEU B 15 -25.92 1.44 3.96
CA LEU B 15 -25.03 2.60 4.12
C LEU B 15 -25.45 3.51 5.30
N GLU B 16 -26.76 3.62 5.55
CA GLU B 16 -27.28 4.31 6.74
C GLU B 16 -26.65 3.72 8.03
N ALA B 17 -26.82 2.40 8.19
CA ALA B 17 -26.33 1.68 9.34
C ALA B 17 -24.84 1.90 9.41
N ALA B 18 -24.17 1.73 8.27
CA ALA B 18 -22.72 1.90 8.22
C ALA B 18 -22.31 3.22 8.84
N THR B 19 -23.00 4.30 8.43
CA THR B 19 -22.81 5.66 8.93
C THR B 19 -23.00 5.76 10.45
N GLN B 20 -24.13 5.24 10.93
CA GLN B 20 -24.40 5.19 12.36
C GLN B 20 -23.30 4.44 13.13
N ALA B 21 -23.09 3.18 12.73
CA ALA B 21 -22.11 2.33 13.35
C ALA B 21 -20.74 3.01 13.41
N ILE B 22 -20.27 3.55 12.29
CA ILE B 22 -18.97 4.23 12.27
C ILE B 22 -19.01 5.54 13.09
N ALA B 23 -20.21 6.15 13.18
CA ALA B 23 -20.45 7.32 14.05
C ALA B 23 -20.28 6.95 15.55
N GLN B 24 -20.88 5.85 15.95
CA GLN B 24 -20.71 5.34 17.32
C GLN B 24 -19.26 4.89 17.65
N SER B 25 -18.76 3.93 16.86
CA SER B 25 -17.43 3.34 17.11
C SER B 25 -16.28 4.01 16.32
N GLY B 26 -15.91 3.42 15.18
CA GLY B 26 -14.87 3.97 14.32
C GLY B 26 -14.76 3.09 13.10
N ILE B 27 -13.63 3.18 12.38
CA ILE B 27 -13.43 2.38 11.14
C ILE B 27 -13.56 0.89 11.43
N ALA B 28 -13.35 0.55 12.70
CA ALA B 28 -13.49 -0.80 13.19
C ALA B 28 -14.93 -1.14 13.66
N ALA B 29 -15.93 -0.44 13.14
CA ALA B 29 -17.30 -0.78 13.47
C ALA B 29 -17.57 -2.17 12.92
N SER B 30 -18.12 -3.04 13.76
CA SER B 30 -18.30 -4.43 13.38
C SER B 30 -19.17 -4.52 12.12
N THR B 31 -18.55 -5.06 11.08
CA THR B 31 -19.29 -5.37 9.85
C THR B 31 -20.51 -6.30 10.13
N ALA B 32 -20.49 -6.95 11.30
CA ALA B 32 -21.56 -7.86 11.71
C ALA B 32 -22.79 -7.11 12.28
N VAL B 33 -22.51 -6.01 13.01
CA VAL B 33 -23.58 -5.19 13.59
C VAL B 33 -24.28 -4.47 12.47
N ILE B 34 -23.49 -3.94 11.54
CA ILE B 34 -23.97 -3.21 10.35
C ILE B 34 -25.01 -4.02 9.57
N ALA B 35 -24.78 -5.34 9.53
CA ALA B 35 -25.65 -6.32 8.88
C ALA B 35 -27.09 -6.36 9.45
N ARG B 36 -27.25 -6.78 10.71
CA ARG B 36 -28.60 -6.94 11.30
C ARG B 36 -29.39 -5.62 11.22
N ASN B 37 -28.67 -4.52 11.46
CA ASN B 37 -29.22 -3.17 11.30
C ASN B 37 -29.58 -2.86 9.85
N ALA B 38 -29.67 -3.90 9.02
CA ALA B 38 -30.14 -3.76 7.63
C ALA B 38 -31.19 -4.83 7.37
N GLY B 39 -31.34 -5.74 8.35
CA GLY B 39 -32.26 -6.86 8.27
C GLY B 39 -31.75 -7.96 7.35
N VAL B 40 -30.43 -8.04 7.17
CA VAL B 40 -29.82 -9.07 6.32
C VAL B 40 -28.72 -9.91 7.01
N ALA B 41 -28.32 -11.00 6.35
CA ALA B 41 -27.21 -11.78 6.86
C ALA B 41 -25.89 -11.03 6.57
N GLU B 42 -24.84 -11.37 7.29
CA GLU B 42 -23.54 -10.73 7.09
C GLU B 42 -23.01 -10.95 5.68
N GLY B 43 -23.14 -12.19 5.17
CA GLY B 43 -22.81 -12.54 3.77
C GLY B 43 -23.54 -11.71 2.68
N THR B 44 -24.73 -11.24 3.03
CA THR B 44 -25.44 -10.28 2.18
C THR B 44 -24.64 -8.97 2.14
N LEU B 45 -23.98 -8.63 3.24
CA LEU B 45 -23.23 -7.37 3.25
C LEU B 45 -22.04 -7.50 2.30
N PHE B 46 -21.33 -8.61 2.42
CA PHE B 46 -20.14 -8.77 1.62
C PHE B 46 -20.43 -8.98 0.16
N ARG B 47 -21.70 -9.25 -0.16
CA ARG B 47 -22.17 -9.31 -1.54
C ARG B 47 -22.18 -7.93 -2.20
N TYR B 48 -22.66 -6.92 -1.46
CA TYR B 48 -22.72 -5.55 -1.97
C TYR B 48 -21.34 -4.93 -1.92
N PHE B 49 -20.54 -5.41 -0.96
CA PHE B 49 -19.19 -4.87 -0.69
C PHE B 49 -18.13 -5.96 -0.59
N ALA B 50 -17.23 -5.98 -1.58
CA ALA B 50 -16.14 -6.95 -1.66
C ALA B 50 -15.48 -7.26 -0.31
N THR B 51 -15.06 -6.20 0.38
CA THR B 51 -14.50 -6.28 1.74
C THR B 51 -15.00 -5.11 2.60
N LYS B 52 -14.63 -5.15 3.88
CA LYS B 52 -14.89 -4.07 4.84
C LYS B 52 -14.34 -2.76 4.29
N ASP B 53 -13.15 -2.83 3.71
CA ASP B 53 -12.46 -1.68 3.12
C ASP B 53 -13.30 -0.96 2.07
N GLU B 54 -13.69 -1.69 1.04
CA GLU B 54 -14.45 -1.12 -0.06
C GLU B 54 -15.70 -0.43 0.48
N LEU B 55 -16.36 -1.06 1.47
CA LEU B 55 -17.45 -0.40 2.21
C LEU B 55 -17.03 0.96 2.78
N ILE B 56 -15.85 0.99 3.40
CA ILE B 56 -15.32 2.24 3.94
C ILE B 56 -15.24 3.23 2.79
N ASN B 57 -14.52 2.87 1.73
CA ASN B 57 -14.26 3.84 0.66
C ASN B 57 -15.55 4.27 -0.04
N THR B 58 -16.47 3.33 -0.20
CA THR B 58 -17.74 3.58 -0.86
C THR B 58 -18.59 4.57 -0.04
N LEU B 59 -18.78 4.26 1.26
CA LEU B 59 -19.49 5.18 2.21
C LEU B 59 -18.89 6.57 2.27
N TYR B 60 -17.56 6.66 2.19
CA TYR B 60 -16.87 7.95 2.25
C TYR B 60 -17.26 8.84 1.06
N LEU B 61 -17.33 8.25 -0.13
CA LEU B 61 -17.77 9.03 -1.30
C LEU B 61 -19.22 9.40 -1.13
N HIS B 62 -19.97 8.49 -0.53
CA HIS B 62 -21.38 8.72 -0.28
C HIS B 62 -21.57 9.96 0.62
N LEU B 63 -20.95 9.95 1.82
CA LEU B 63 -21.05 11.11 2.74
C LEU B 63 -20.39 12.35 2.20
N LYS B 64 -19.33 12.19 1.42
CA LYS B 64 -18.65 13.34 0.83
C LYS B 64 -19.60 14.03 -0.16
N GLN B 65 -20.36 13.21 -0.91
CA GLN B 65 -21.34 13.70 -1.89
C GLN B 65 -22.37 14.57 -1.20
N ASP B 66 -22.95 14.04 -0.13
CA ASP B 66 -23.98 14.73 0.58
C ASP B 66 -23.48 16.06 1.18
N LEU B 67 -22.29 16.03 1.82
CA LEU B 67 -21.59 17.22 2.29
C LEU B 67 -21.33 18.19 1.17
N CYS B 68 -20.60 17.74 0.15
CA CYS B 68 -20.31 18.65 -0.97
C CYS B 68 -21.58 19.15 -1.69
N GLN B 69 -22.59 18.29 -1.83
CA GLN B 69 -23.85 18.72 -2.40
C GLN B 69 -24.50 19.81 -1.58
N SER B 70 -24.46 19.68 -0.25
CA SER B 70 -24.93 20.79 0.58
C SER B 70 -24.02 22.03 0.41
N MET B 71 -22.71 21.79 0.22
CA MET B 71 -21.72 22.86 0.09
C MET B 71 -21.75 23.57 -1.23
N ILE B 72 -22.18 22.89 -2.29
CA ILE B 72 -22.31 23.55 -3.59
C ILE B 72 -23.52 24.49 -3.72
N MET B 73 -24.63 24.18 -3.04
CA MET B 73 -25.88 25.00 -3.17
C MET B 73 -25.86 26.40 -2.45
N GLU B 74 -24.82 26.60 -1.65
CA GLU B 74 -24.66 27.81 -0.90
C GLU B 74 -23.60 28.70 -1.55
N LEU B 75 -22.83 28.13 -2.49
CA LEU B 75 -21.82 28.87 -3.26
C LEU B 75 -22.39 30.02 -4.00
N ASP B 76 -21.90 31.21 -3.68
CA ASP B 76 -22.39 32.42 -4.28
C ASP B 76 -21.97 32.50 -5.75
N ARG B 77 -20.70 32.14 -6.03
CA ARG B 77 -20.13 32.12 -7.40
C ARG B 77 -20.05 33.55 -7.94
N SER B 78 -18.91 34.21 -7.61
CA SER B 78 -18.61 35.59 -8.01
C SER B 78 -17.73 36.26 -6.94
N ILE B 79 -17.37 35.47 -5.91
CA ILE B 79 -16.52 35.96 -4.82
C ILE B 79 -15.07 35.81 -5.29
N THR B 80 -14.28 36.83 -4.99
CA THR B 80 -12.89 36.82 -5.40
C THR B 80 -11.92 36.43 -4.27
N ASP B 81 -11.96 37.16 -3.15
CA ASP B 81 -11.06 36.99 -2.03
C ASP B 81 -11.02 35.54 -1.58
N ALA B 82 -9.85 34.94 -1.62
CA ALA B 82 -9.68 33.51 -1.30
C ALA B 82 -10.13 33.17 0.16
N LYS B 83 -9.80 34.04 1.09
CA LYS B 83 -10.17 33.87 2.46
C LYS B 83 -11.70 33.91 2.57
N MET B 84 -12.33 34.83 1.82
CA MET B 84 -13.76 35.03 1.96
C MET B 84 -14.51 33.79 1.49
N MET B 85 -14.01 33.20 0.42
CA MET B 85 -14.62 32.03 -0.17
C MET B 85 -14.39 30.83 0.75
N THR B 86 -13.21 30.78 1.37
CA THR B 86 -12.94 29.71 2.29
C THR B 86 -13.89 29.83 3.48
N ARG B 87 -14.15 31.05 3.89
CA ARG B 87 -15.00 31.28 4.99
C ARG B 87 -16.41 30.69 4.76
N PHE B 88 -16.90 30.76 3.51
CA PHE B 88 -18.27 30.21 3.16
C PHE B 88 -18.26 28.70 3.15
N ILE B 89 -17.15 28.14 2.70
CA ILE B 89 -16.98 26.68 2.65
C ILE B 89 -16.96 26.15 4.11
N TRP B 90 -16.20 26.85 4.95
CA TRP B 90 -16.12 26.53 6.35
C TRP B 90 -17.51 26.65 6.98
N ASN B 91 -18.15 27.78 6.79
CA ASN B 91 -19.52 27.99 7.28
C ASN B 91 -20.38 26.86 6.88
N SER B 92 -20.30 26.50 5.59
CA SER B 92 -21.08 25.28 5.02
C SER B 92 -20.73 23.97 5.67
N TYR B 93 -19.42 23.70 5.87
CA TYR B 93 -19.00 22.44 6.48
C TYR B 93 -19.62 22.32 7.87
N ILE B 94 -19.51 23.41 8.67
CA ILE B 94 -20.07 23.41 9.97
C ILE B 94 -21.65 23.15 9.98
N SER B 95 -22.39 23.91 9.18
CA SER B 95 -23.88 23.72 9.13
C SER B 95 -24.18 22.30 8.88
N TRP B 96 -23.57 21.75 7.85
CA TRP B 96 -23.83 20.36 7.48
C TRP B 96 -23.52 19.49 8.66
N GLY B 97 -22.46 19.85 9.39
CA GLY B 97 -22.07 19.04 10.56
C GLY B 97 -23.03 19.18 11.70
N LEU B 98 -23.47 20.39 11.95
CA LEU B 98 -24.50 20.57 13.00
C LEU B 98 -25.87 19.87 12.64
N ASN B 99 -26.26 19.93 11.36
CA ASN B 99 -27.51 19.28 10.90
C ASN B 99 -27.43 17.76 10.88
N HIS B 100 -26.25 17.23 10.52
CA HIS B 100 -26.05 15.81 10.42
C HIS B 100 -24.86 15.36 11.23
N PRO B 101 -25.06 15.23 12.57
CA PRO B 101 -24.01 14.83 13.55
C PRO B 101 -23.41 13.44 13.28
N ALA B 102 -24.27 12.41 13.25
CA ALA B 102 -23.80 11.07 12.77
C ALA B 102 -22.95 11.06 11.50
N ARG B 103 -23.40 11.79 10.46
CA ARG B 103 -22.69 11.77 9.19
C ARG B 103 -21.35 12.39 9.40
N HIS B 104 -21.31 13.55 10.04
CA HIS B 104 -20.03 14.18 10.29
C HIS B 104 -19.06 13.25 11.05
N ARG B 105 -19.56 12.55 12.03
CA ARG B 105 -18.78 11.62 12.83
C ARG B 105 -18.10 10.53 11.96
N ALA B 106 -18.86 9.96 11.02
CA ALA B 106 -18.37 8.90 10.12
C ALA B 106 -17.38 9.45 9.15
N ILE B 107 -17.72 10.59 8.52
CA ILE B 107 -16.85 11.15 7.48
C ILE B 107 -15.50 11.50 8.08
N ARG B 108 -15.56 11.99 9.31
CA ARG B 108 -14.42 12.44 10.11
C ARG B 108 -13.43 11.31 10.33
N GLN B 109 -13.93 10.14 10.78
CA GLN B 109 -13.11 8.93 11.07
C GLN B 109 -12.52 8.29 9.79
N LEU B 110 -13.33 8.27 8.74
CA LEU B 110 -12.91 7.73 7.46
C LEU B 110 -11.82 8.60 6.86
N ALA B 111 -11.96 9.92 6.94
CA ALA B 111 -10.96 10.81 6.35
C ALA B 111 -9.51 10.56 6.84
N VAL B 112 -9.34 10.33 8.14
CA VAL B 112 -8.04 10.05 8.79
C VAL B 112 -7.78 8.54 8.95
N SER B 113 -8.68 7.71 8.42
CA SER B 113 -8.62 6.23 8.57
C SER B 113 -7.38 5.60 7.98
N GLU B 114 -6.84 6.25 6.94
CA GLU B 114 -5.70 5.72 6.18
C GLU B 114 -6.07 4.54 5.26
N LYS B 115 -7.36 4.14 5.26
CA LYS B 115 -7.84 3.01 4.44
C LYS B 115 -8.45 3.43 3.09
N LEU B 116 -8.72 4.72 2.94
CA LEU B 116 -9.19 5.26 1.68
C LEU B 116 -8.09 5.11 0.65
N THR B 117 -8.47 4.57 -0.51
CA THR B 117 -7.55 4.42 -1.63
C THR B 117 -7.28 5.77 -2.30
N LYS B 118 -6.08 5.93 -2.86
CA LYS B 118 -5.73 7.19 -3.55
C LYS B 118 -6.78 7.51 -4.59
N GLU B 119 -7.26 6.45 -5.25
CA GLU B 119 -8.32 6.54 -6.24
C GLU B 119 -9.59 7.18 -5.64
N THR B 120 -9.96 6.73 -4.43
CA THR B 120 -11.07 7.31 -3.65
C THR B 120 -10.91 8.80 -3.38
N GLU B 121 -9.67 9.22 -3.13
CA GLU B 121 -9.36 10.61 -2.82
C GLU B 121 -9.45 11.47 -4.07
N GLN B 122 -8.99 10.92 -5.21
CA GLN B 122 -9.03 11.65 -6.48
C GLN B 122 -10.47 11.78 -6.93
N ARG B 123 -11.30 10.84 -6.49
CA ARG B 123 -12.75 10.90 -6.72
C ARG B 123 -13.36 12.05 -5.94
N ALA B 124 -12.84 12.29 -4.72
CA ALA B 124 -13.25 13.42 -3.89
C ALA B 124 -12.86 14.79 -4.48
N ASP B 125 -11.59 14.95 -4.88
CA ASP B 125 -11.14 16.16 -5.60
C ASP B 125 -11.99 16.47 -6.86
N ASP B 126 -12.69 15.44 -7.38
CA ASP B 126 -13.58 15.54 -8.55
C ASP B 126 -15.02 15.96 -8.21
N MET B 127 -15.35 15.93 -6.92
CA MET B 127 -16.69 16.24 -6.44
C MET B 127 -16.89 17.74 -6.19
N PHE B 128 -15.80 18.43 -5.88
CA PHE B 128 -15.86 19.83 -5.52
C PHE B 128 -14.62 20.62 -6.00
N PRO B 129 -14.43 20.69 -7.34
CA PRO B 129 -13.26 21.34 -7.98
C PRO B 129 -13.10 22.82 -7.61
N GLU B 130 -13.95 23.30 -6.73
CA GLU B 130 -13.92 24.68 -6.27
C GLU B 130 -13.05 24.75 -4.99
N LEU B 131 -12.84 23.60 -4.36
CA LEU B 131 -12.07 23.54 -3.12
C LEU B 131 -10.63 23.10 -3.37
N ARG B 132 -10.46 22.15 -4.29
CA ARG B 132 -9.13 21.66 -4.69
C ARG B 132 -8.24 22.76 -5.27
N ASP B 133 -8.85 23.65 -6.04
CA ASP B 133 -8.15 24.78 -6.66
C ASP B 133 -8.00 25.93 -5.64
N LEU B 134 -8.88 25.96 -4.65
CA LEU B 134 -8.81 26.93 -3.56
C LEU B 134 -7.63 26.63 -2.58
N CYS B 135 -7.48 25.34 -2.28
CA CYS B 135 -6.43 24.88 -1.41
C CYS B 135 -5.11 25.01 -2.14
N HIS B 136 -5.15 24.72 -3.44
CA HIS B 136 -4.02 24.89 -4.35
C HIS B 136 -3.52 26.37 -4.41
N ARG B 137 -4.12 27.26 -3.63
CA ARG B 137 -3.66 28.63 -3.63
C ARG B 137 -3.34 29.18 -2.23
N SER B 138 -4.12 28.78 -1.24
CA SER B 138 -4.00 29.34 0.11
C SER B 138 -3.20 28.49 1.13
N VAL B 139 -3.37 27.19 1.03
CA VAL B 139 -2.78 26.21 1.92
C VAL B 139 -1.23 26.17 1.88
N LEU B 140 -0.62 26.28 3.03
CA LEU B 140 0.84 26.03 3.15
C LEU B 140 1.21 24.82 2.27
N MET B 141 2.21 25.00 1.48
CA MET B 141 2.70 24.00 0.60
C MET B 141 3.16 22.74 1.31
N VAL B 142 3.54 22.83 2.57
CA VAL B 142 3.83 21.60 3.30
C VAL B 142 2.60 20.69 3.46
N PHE B 143 1.47 21.31 3.75
CA PHE B 143 0.25 20.56 4.00
C PHE B 143 -0.41 20.12 2.67
N MET B 144 0.21 20.37 1.51
CA MET B 144 -0.22 19.86 0.22
C MET B 144 0.69 18.73 -0.21
N SER B 145 1.82 18.58 0.46
CA SER B 145 2.70 17.50 0.11
C SER B 145 2.00 16.20 0.38
N ASP B 146 2.53 15.13 -0.15
CA ASP B 146 1.97 13.80 0.05
C ASP B 146 2.22 13.26 1.44
N GLU B 147 3.37 13.60 2.02
CA GLU B 147 3.67 13.16 3.42
C GLU B 147 2.80 13.83 4.46
N TYR B 148 2.44 15.09 4.22
CA TYR B 148 1.66 15.86 5.25
C TYR B 148 0.26 16.29 4.92
N ARG B 149 -0.24 15.89 3.76
CA ARG B 149 -1.63 16.22 3.34
C ARG B 149 -2.66 15.72 4.37
N ALA B 150 -2.54 14.47 4.79
CA ALA B 150 -3.52 13.88 5.70
C ALA B 150 -3.46 14.56 7.06
N PHE B 151 -2.26 14.91 7.50
CA PHE B 151 -2.15 15.72 8.75
C PHE B 151 -2.89 17.03 8.67
N GLY B 152 -2.68 17.77 7.59
CA GLY B 152 -3.31 19.02 7.39
C GLY B 152 -4.88 18.88 7.35
N ASP B 153 -5.40 17.79 6.78
CA ASP B 153 -6.84 17.55 6.81
C ASP B 153 -7.20 17.18 8.22
N GLY B 154 -6.34 16.35 8.89
CA GLY B 154 -6.68 15.96 10.23
C GLY B 154 -6.80 17.22 11.11
N LEU B 155 -6.00 18.24 10.82
CA LEU B 155 -6.01 19.49 11.73
C LEU B 155 -7.23 20.35 11.38
N PHE B 156 -7.56 20.47 10.11
CA PHE B 156 -8.76 21.20 9.73
C PHE B 156 -9.95 20.55 10.37
N LEU B 157 -10.09 19.25 10.22
CA LEU B 157 -11.26 18.51 10.81
C LEU B 157 -11.35 18.63 12.32
N ALA B 158 -10.23 18.44 12.99
CA ALA B 158 -10.31 18.58 14.48
C ALA B 158 -10.79 19.93 14.85
N LEU B 159 -10.32 20.91 14.16
CA LEU B 159 -10.68 22.30 14.50
C LEU B 159 -12.20 22.54 14.14
N ALA B 160 -12.70 21.89 13.09
CA ALA B 160 -14.05 22.08 12.64
C ALA B 160 -14.96 21.40 13.61
N GLU B 161 -14.59 20.18 14.00
CA GLU B 161 -15.40 19.41 14.93
C GLU B 161 -15.48 20.11 16.28
N THR B 162 -14.38 20.70 16.74
CA THR B 162 -14.42 21.46 18.03
C THR B 162 -15.35 22.67 17.91
N THR B 163 -15.24 23.42 16.85
CA THR B 163 -16.12 24.53 16.62
C THR B 163 -17.63 24.03 16.65
N MET B 164 -17.92 22.89 16.02
CA MET B 164 -19.21 22.28 16.01
C MET B 164 -19.66 21.93 17.46
N ASP B 165 -18.77 21.28 18.26
CA ASP B 165 -19.18 20.87 19.62
C ASP B 165 -19.63 22.05 20.41
N PHE B 166 -18.84 23.13 20.32
CA PHE B 166 -19.11 24.32 21.09
C PHE B 166 -20.33 25.04 20.57
N ALA B 167 -20.47 25.10 19.25
CA ALA B 167 -21.65 25.68 18.62
C ALA B 167 -22.92 24.95 19.03
N ALA B 168 -22.89 23.61 19.06
CA ALA B 168 -24.10 22.85 19.38
C ALA B 168 -24.50 23.03 20.83
N ARG B 169 -23.52 23.00 21.75
CA ARG B 169 -23.82 23.15 23.18
C ARG B 169 -24.27 24.57 23.52
N ASP B 170 -23.70 25.60 22.87
CA ASP B 170 -24.04 27.02 23.16
C ASP B 170 -24.59 27.80 21.96
N PRO B 171 -25.85 27.54 21.57
CA PRO B 171 -26.38 28.15 20.33
C PRO B 171 -26.38 29.67 20.35
N ALA B 172 -26.35 30.22 21.55
CA ALA B 172 -26.41 31.67 21.66
C ALA B 172 -25.16 32.32 21.02
N ARG B 173 -24.06 31.58 20.99
CA ARG B 173 -22.81 32.16 20.50
C ARG B 173 -22.27 31.37 19.34
N ALA B 174 -23.15 30.59 18.65
CA ALA B 174 -22.66 29.66 17.61
C ALA B 174 -21.89 30.41 16.57
N GLY B 175 -22.27 31.66 16.38
CA GLY B 175 -21.72 32.49 15.30
C GLY B 175 -20.38 33.01 15.63
N GLU B 176 -20.18 33.30 16.91
CA GLU B 176 -18.86 33.73 17.37
C GLU B 176 -17.86 32.57 17.24
N TYR B 177 -18.28 31.41 17.77
CA TYR B 177 -17.50 30.16 17.70
C TYR B 177 -16.99 29.82 16.27
N ILE B 178 -17.96 29.83 15.35
CA ILE B 178 -17.75 29.49 13.97
C ILE B 178 -16.75 30.46 13.40
N ALA B 179 -16.93 31.73 13.72
CA ALA B 179 -16.09 32.81 13.27
C ALA B 179 -14.66 32.72 13.90
N LEU B 180 -14.58 32.36 15.16
CA LEU B 180 -13.24 32.20 15.83
C LEU B 180 -12.60 30.92 15.32
N GLY B 181 -13.41 29.87 15.16
CA GLY B 181 -12.89 28.64 14.55
C GLY B 181 -12.27 28.88 13.21
N PHE B 182 -12.99 29.59 12.32
CA PHE B 182 -12.43 29.75 10.95
C PHE B 182 -11.13 30.51 10.94
N GLU B 183 -11.06 31.63 11.66
CA GLU B 183 -9.86 32.41 11.71
C GLU B 183 -8.65 31.59 12.33
N ALA B 184 -8.88 30.81 13.39
CA ALA B 184 -7.77 29.95 13.94
C ALA B 184 -7.30 28.99 12.86
N MET B 185 -8.26 28.28 12.22
CA MET B 185 -7.95 27.38 11.09
C MET B 185 -7.21 28.05 10.00
N TRP B 186 -7.67 29.23 9.59
CA TRP B 186 -7.03 29.96 8.49
C TRP B 186 -5.56 30.36 8.90
N ARG B 187 -5.36 30.85 10.12
CA ARG B 187 -3.95 31.14 10.50
C ARG B 187 -3.10 29.82 10.55
N ALA B 188 -3.71 28.72 10.99
CA ALA B 188 -2.96 27.47 11.11
C ALA B 188 -2.50 26.87 9.80
N LEU B 189 -3.33 26.91 8.78
CA LEU B 189 -3.04 26.18 7.57
C LEU B 189 -2.66 26.98 6.37
N THR B 190 -2.84 28.29 6.39
CA THR B 190 -2.63 29.04 5.12
C THR B 190 -1.37 29.88 5.14
N ARG B 191 -1.05 30.43 3.95
CA ARG B 191 0.12 31.31 3.77
C ARG B 191 -0.06 32.65 4.45
N GLU B 192 1.05 33.34 4.69
CA GLU B 192 1.05 34.60 5.48
C GLU B 192 1.03 35.85 4.55
N GLU C 8 44.78 -12.59 -29.59
CA GLU C 8 43.80 -13.72 -29.32
C GLU C 8 42.79 -13.49 -28.14
N ASP C 9 43.13 -12.52 -27.26
CA ASP C 9 42.28 -12.09 -26.14
C ASP C 9 41.03 -11.22 -26.57
N LYS C 10 41.10 -10.63 -27.77
CA LYS C 10 40.01 -9.77 -28.33
C LYS C 10 38.73 -10.54 -28.72
N LYS C 11 38.89 -11.79 -29.12
CA LYS C 11 37.77 -12.68 -29.34
C LYS C 11 37.05 -12.93 -27.99
N GLN C 12 37.79 -13.41 -26.99
CA GLN C 12 37.25 -13.72 -25.68
C GLN C 12 36.55 -12.50 -25.15
N ALA C 13 37.11 -11.36 -25.45
CA ALA C 13 36.50 -10.13 -25.06
C ALA C 13 35.16 -10.06 -25.77
N LEU C 14 35.20 -10.43 -27.06
CA LEU C 14 34.05 -10.39 -27.94
C LEU C 14 32.97 -11.36 -27.42
N LEU C 15 33.36 -12.61 -27.13
CA LEU C 15 32.43 -13.54 -26.48
C LEU C 15 31.78 -13.05 -25.13
N GLU C 16 32.59 -12.36 -24.30
CA GLU C 16 32.09 -11.82 -23.03
C GLU C 16 31.20 -10.61 -23.21
N ALA C 17 31.51 -9.76 -24.20
CA ALA C 17 30.67 -8.62 -24.47
C ALA C 17 29.33 -9.09 -25.02
N ALA C 18 29.38 -10.16 -25.81
CA ALA C 18 28.22 -10.78 -26.45
C ALA C 18 27.39 -11.42 -25.35
N THR C 19 28.08 -12.10 -24.43
CA THR C 19 27.41 -12.66 -23.24
C THR C 19 26.70 -11.54 -22.56
N GLN C 20 27.46 -10.51 -22.20
CA GLN C 20 26.85 -9.37 -21.47
C GLN C 20 25.73 -8.78 -22.28
N ALA C 21 25.96 -8.57 -23.57
CA ALA C 21 24.96 -7.87 -24.44
C ALA C 21 23.63 -8.61 -24.65
N ILE C 22 23.75 -9.91 -24.86
CA ILE C 22 22.58 -10.74 -24.99
C ILE C 22 21.88 -10.92 -23.65
N ALA C 23 22.65 -10.91 -22.57
CA ALA C 23 22.06 -11.14 -21.27
C ALA C 23 21.06 -10.01 -20.98
N GLN C 24 21.28 -8.89 -21.64
CA GLN C 24 20.48 -7.71 -21.44
C GLN C 24 19.40 -7.50 -22.51
N SER C 25 19.70 -7.87 -23.75
CA SER C 25 18.86 -7.44 -24.89
C SER C 25 18.36 -8.56 -25.81
N GLY C 26 18.75 -9.80 -25.51
CA GLY C 26 18.37 -10.89 -26.38
C GLY C 26 19.30 -10.94 -27.56
N ILE C 27 19.00 -11.82 -28.51
CA ILE C 27 19.86 -12.00 -29.66
C ILE C 27 19.69 -10.82 -30.62
N ALA C 28 18.68 -10.01 -30.34
CA ALA C 28 18.44 -8.78 -31.08
C ALA C 28 19.44 -7.70 -30.70
N ALA C 29 20.43 -8.07 -29.87
CA ALA C 29 21.50 -7.14 -29.47
C ALA C 29 22.23 -6.80 -30.71
N SER C 30 22.51 -5.52 -30.86
CA SER C 30 23.32 -5.00 -31.95
C SER C 30 24.74 -5.60 -31.86
N THR C 31 25.24 -6.09 -32.99
CA THR C 31 26.65 -6.51 -33.08
C THR C 31 27.61 -5.31 -32.96
N ALA C 32 27.06 -4.12 -33.12
CA ALA C 32 27.85 -2.92 -33.04
C ALA C 32 27.97 -2.59 -31.55
N VAL C 33 26.85 -2.74 -30.81
CA VAL C 33 26.88 -2.45 -29.36
C VAL C 33 27.83 -3.44 -28.64
N ILE C 34 27.92 -4.69 -29.08
CA ILE C 34 28.93 -5.54 -28.49
C ILE C 34 30.27 -5.32 -29.14
N ALA C 35 30.28 -4.52 -30.16
CA ALA C 35 31.56 -4.07 -30.73
C ALA C 35 32.27 -3.04 -29.85
N ARG C 36 31.59 -1.90 -29.63
CA ARG C 36 32.16 -0.82 -28.83
C ARG C 36 32.42 -1.32 -27.42
N ASN C 37 31.46 -2.06 -26.84
CA ASN C 37 31.59 -2.69 -25.50
C ASN C 37 32.82 -3.59 -25.31
N ALA C 38 33.25 -4.26 -26.37
CA ALA C 38 34.45 -5.09 -26.28
C ALA C 38 35.74 -4.32 -26.61
N GLY C 39 35.65 -3.01 -26.87
CA GLY C 39 36.82 -2.24 -27.31
C GLY C 39 37.54 -2.72 -28.60
N VAL C 40 36.85 -3.49 -29.43
CA VAL C 40 37.33 -3.79 -30.77
C VAL C 40 36.42 -3.18 -31.84
N ALA C 41 36.75 -3.45 -33.10
CA ALA C 41 36.02 -2.88 -34.25
C ALA C 41 34.97 -3.90 -34.74
N GLU C 42 33.78 -3.40 -35.09
CA GLU C 42 32.74 -4.29 -35.63
C GLU C 42 33.28 -5.16 -36.77
N GLY C 43 34.10 -4.59 -37.64
CA GLY C 43 34.66 -5.34 -38.77
C GLY C 43 35.53 -6.47 -38.29
N THR C 44 36.16 -6.28 -37.14
CA THR C 44 36.97 -7.30 -36.51
C THR C 44 36.06 -8.39 -36.01
N LEU C 45 34.92 -7.96 -35.45
CA LEU C 45 33.92 -8.91 -34.92
C LEU C 45 33.47 -9.81 -36.06
N PHE C 46 33.21 -9.19 -37.20
CA PHE C 46 32.85 -9.92 -38.41
C PHE C 46 33.96 -10.70 -39.09
N ARG C 47 35.23 -10.46 -38.71
CA ARG C 47 36.29 -11.39 -39.19
C ARG C 47 36.51 -12.57 -38.29
N TYR C 48 36.14 -12.40 -37.02
CA TYR C 48 36.16 -13.50 -36.05
C TYR C 48 34.93 -14.38 -36.19
N PHE C 49 33.80 -13.76 -36.50
CA PHE C 49 32.54 -14.49 -36.71
C PHE C 49 31.94 -13.98 -38.01
N ALA C 50 31.98 -14.81 -39.06
CA ALA C 50 31.48 -14.40 -40.39
C ALA C 50 30.09 -13.83 -40.30
N THR C 51 29.22 -14.41 -39.49
CA THR C 51 27.86 -13.91 -39.36
C THR C 51 27.47 -13.74 -37.90
N LYS C 52 26.39 -13.00 -37.65
CA LYS C 52 25.78 -12.95 -36.35
C LYS C 52 25.45 -14.40 -35.85
N ASP C 53 24.84 -15.20 -36.73
CA ASP C 53 24.48 -16.57 -36.40
C ASP C 53 25.67 -17.39 -36.01
N GLU C 54 26.79 -17.13 -36.65
CA GLU C 54 27.99 -17.83 -36.33
C GLU C 54 28.38 -17.46 -34.85
N LEU C 55 28.27 -16.18 -34.49
CA LEU C 55 28.58 -15.74 -33.14
C LEU C 55 27.60 -16.36 -32.13
N ILE C 56 26.29 -16.34 -32.46
CA ILE C 56 25.26 -16.91 -31.61
C ILE C 56 25.63 -18.36 -31.30
N ASN C 57 25.84 -19.17 -32.35
CA ASN C 57 26.09 -20.58 -32.19
C ASN C 57 27.34 -20.89 -31.35
N THR C 58 28.44 -20.21 -31.62
CA THR C 58 29.69 -20.49 -30.92
C THR C 58 29.50 -20.06 -29.45
N LEU C 59 28.93 -18.89 -29.25
CA LEU C 59 28.72 -18.41 -27.87
C LEU C 59 27.91 -19.36 -27.06
N TYR C 60 26.86 -19.91 -27.70
CA TYR C 60 26.03 -20.89 -27.05
C TYR C 60 26.83 -22.14 -26.62
N LEU C 61 27.68 -22.63 -27.50
CA LEU C 61 28.43 -23.83 -27.23
C LEU C 61 29.45 -23.60 -26.11
N HIS C 62 29.97 -22.41 -26.06
CA HIS C 62 30.94 -22.08 -25.06
C HIS C 62 30.31 -22.03 -23.65
N LEU C 63 29.23 -21.27 -23.52
CA LEU C 63 28.50 -21.09 -22.29
C LEU C 63 27.96 -22.45 -21.80
N LYS C 64 27.58 -23.29 -22.73
CA LYS C 64 27.00 -24.59 -22.42
C LYS C 64 28.10 -25.57 -21.91
N GLN C 65 29.31 -25.41 -22.43
CA GLN C 65 30.48 -26.19 -21.99
C GLN C 65 30.80 -25.76 -20.57
N ASP C 66 30.83 -24.44 -20.36
CA ASP C 66 31.08 -23.91 -19.03
C ASP C 66 30.10 -24.50 -18.01
N LEU C 67 28.81 -24.43 -18.34
CA LEU C 67 27.75 -24.89 -17.47
C LEU C 67 27.92 -26.37 -17.17
N CYS C 68 28.11 -27.13 -18.22
CA CYS C 68 28.23 -28.55 -18.09
C CYS C 68 29.48 -29.02 -17.30
N GLN C 69 30.62 -28.42 -17.58
CA GLN C 69 31.79 -28.66 -16.78
C GLN C 69 31.45 -28.48 -15.30
N SER C 70 30.75 -27.40 -15.00
CA SER C 70 30.38 -27.08 -13.66
C SER C 70 29.43 -28.13 -13.02
N MET C 71 28.47 -28.65 -13.80
CA MET C 71 27.63 -29.75 -13.30
C MET C 71 28.42 -31.08 -13.10
N ILE C 72 29.45 -31.28 -13.90
CA ILE C 72 30.22 -32.54 -13.81
C ILE C 72 31.05 -32.54 -12.53
N MET C 73 31.77 -31.44 -12.27
CA MET C 73 32.56 -31.20 -11.05
C MET C 73 31.77 -31.22 -9.76
N GLU C 74 30.52 -31.61 -9.82
CA GLU C 74 29.64 -31.49 -8.68
C GLU C 74 28.76 -32.71 -8.62
N LEU C 75 28.84 -33.52 -9.65
CA LEU C 75 28.10 -34.76 -9.72
C LEU C 75 28.64 -35.77 -8.66
N ASP C 76 27.79 -36.17 -7.71
CA ASP C 76 28.12 -37.09 -6.62
C ASP C 76 27.59 -38.44 -7.00
N ARG C 77 28.51 -39.33 -7.36
CA ARG C 77 28.10 -40.68 -7.83
C ARG C 77 27.62 -41.61 -6.73
N SER C 78 27.71 -41.16 -5.48
CA SER C 78 27.13 -41.89 -4.37
C SER C 78 25.58 -41.84 -4.43
N ILE C 79 25.02 -40.89 -5.20
CA ILE C 79 23.56 -40.69 -5.22
C ILE C 79 23.05 -41.69 -6.22
N THR C 80 22.11 -42.54 -5.83
CA THR C 80 21.64 -43.52 -6.78
C THR C 80 20.09 -43.45 -7.11
N ASP C 81 19.35 -42.68 -6.33
CA ASP C 81 17.94 -42.49 -6.55
C ASP C 81 17.74 -41.51 -7.76
N ALA C 82 16.91 -41.90 -8.72
CA ALA C 82 16.71 -41.09 -9.95
C ALA C 82 16.23 -39.65 -9.63
N LYS C 83 15.24 -39.51 -8.79
CA LYS C 83 14.71 -38.17 -8.51
C LYS C 83 15.80 -37.33 -7.73
N MET C 84 16.40 -37.93 -6.71
CA MET C 84 17.49 -37.27 -5.95
C MET C 84 18.65 -36.83 -6.82
N MET C 85 18.92 -37.60 -7.84
CA MET C 85 20.02 -37.30 -8.76
C MET C 85 19.61 -36.10 -9.67
N THR C 86 18.33 -35.95 -9.88
CA THR C 86 17.86 -34.84 -10.70
C THR C 86 17.84 -33.56 -9.85
N ARG C 87 17.52 -33.70 -8.57
CA ARG C 87 17.59 -32.57 -7.72
C ARG C 87 18.96 -31.94 -7.64
N PHE C 88 20.01 -32.77 -7.61
CA PHE C 88 21.38 -32.20 -7.39
C PHE C 88 21.85 -31.63 -8.66
N ILE C 89 21.42 -32.18 -9.78
CA ILE C 89 21.69 -31.56 -11.10
C ILE C 89 21.02 -30.17 -11.12
N TRP C 90 19.75 -30.08 -10.69
CA TRP C 90 19.02 -28.80 -10.59
C TRP C 90 19.67 -27.79 -9.65
N ASN C 91 20.10 -28.26 -8.47
CA ASN C 91 20.86 -27.40 -7.51
C ASN C 91 22.08 -26.80 -8.11
N SER C 92 22.81 -27.60 -8.87
CA SER C 92 23.99 -27.12 -9.65
C SER C 92 23.69 -26.08 -10.71
N TYR C 93 22.73 -26.39 -11.58
CA TYR C 93 22.26 -25.37 -12.61
C TYR C 93 21.94 -24.06 -11.90
N ILE C 94 21.17 -24.14 -10.84
CA ILE C 94 20.88 -22.97 -10.05
C ILE C 94 22.11 -22.25 -9.50
N SER C 95 23.01 -22.95 -8.82
CA SER C 95 24.18 -22.28 -8.17
C SER C 95 25.02 -21.69 -9.31
N TRP C 96 25.18 -22.45 -10.38
CA TRP C 96 25.80 -21.90 -11.58
C TRP C 96 25.17 -20.56 -12.06
N GLY C 97 23.83 -20.47 -12.05
CA GLY C 97 23.20 -19.21 -12.53
C GLY C 97 23.26 -18.07 -11.52
N LEU C 98 23.19 -18.40 -10.23
CA LEU C 98 23.40 -17.43 -9.18
C LEU C 98 24.86 -16.91 -9.24
N ASN C 99 25.82 -17.78 -9.53
CA ASN C 99 27.20 -17.36 -9.65
C ASN C 99 27.45 -16.55 -10.85
N HIS C 100 26.68 -16.79 -11.95
CA HIS C 100 26.94 -16.13 -13.22
C HIS C 100 25.64 -15.65 -13.86
N PRO C 101 25.03 -14.59 -13.31
CA PRO C 101 23.71 -14.09 -13.85
C PRO C 101 23.67 -13.84 -15.34
N ALA C 102 24.73 -13.28 -15.91
CA ALA C 102 24.78 -12.90 -17.32
C ALA C 102 24.83 -14.10 -18.23
N ARG C 103 25.74 -15.03 -17.89
CA ARG C 103 25.85 -16.23 -18.64
C ARG C 103 24.53 -17.01 -18.70
N HIS C 104 23.79 -17.06 -17.61
CA HIS C 104 22.56 -17.80 -17.62
C HIS C 104 21.47 -17.08 -18.44
N ARG C 105 21.37 -15.75 -18.28
CA ARG C 105 20.40 -14.99 -19.05
C ARG C 105 20.67 -15.20 -20.54
N ALA C 106 21.95 -15.12 -20.91
CA ALA C 106 22.34 -15.26 -22.25
C ALA C 106 21.97 -16.62 -22.78
N ILE C 107 22.30 -17.64 -22.00
CA ILE C 107 22.16 -18.97 -22.47
C ILE C 107 20.70 -19.37 -22.61
N ARG C 108 19.85 -18.81 -21.77
CA ARG C 108 18.43 -19.05 -21.93
C ARG C 108 17.92 -18.44 -23.26
N GLN C 109 18.31 -17.20 -23.52
CA GLN C 109 17.99 -16.51 -24.83
C GLN C 109 18.49 -17.33 -26.02
N LEU C 110 19.76 -17.69 -26.01
CA LEU C 110 20.33 -18.43 -27.09
C LEU C 110 19.61 -19.77 -27.28
N ALA C 111 19.45 -20.53 -26.19
CA ALA C 111 18.86 -21.86 -26.25
C ALA C 111 17.43 -21.86 -26.91
N VAL C 112 16.73 -20.72 -26.86
CA VAL C 112 15.35 -20.60 -27.29
C VAL C 112 15.27 -19.74 -28.57
N SER C 113 16.42 -19.42 -29.18
CA SER C 113 16.53 -18.45 -30.23
C SER C 113 16.19 -18.95 -31.62
N GLU C 114 16.04 -20.27 -31.80
CA GLU C 114 15.77 -20.83 -33.16
C GLU C 114 16.89 -20.57 -34.13
N LYS C 115 17.92 -19.87 -33.69
CA LYS C 115 19.08 -19.62 -34.55
C LYS C 115 20.13 -20.73 -34.45
N LEU C 116 19.98 -21.66 -33.49
CA LEU C 116 20.97 -22.73 -33.31
C LEU C 116 20.94 -23.79 -34.40
N THR C 117 22.11 -24.21 -34.86
CA THR C 117 22.17 -25.21 -35.93
C THR C 117 21.91 -26.66 -35.42
N LYS C 118 21.43 -27.51 -36.33
CA LYS C 118 21.22 -28.94 -36.00
C LYS C 118 22.46 -29.52 -35.35
N GLU C 119 23.62 -29.25 -35.98
CA GLU C 119 24.93 -29.64 -35.47
C GLU C 119 25.25 -29.05 -34.10
N THR C 120 24.78 -27.82 -33.83
CA THR C 120 25.11 -27.12 -32.57
C THR C 120 24.34 -27.80 -31.44
N GLU C 121 23.07 -28.10 -31.70
CA GLU C 121 22.23 -28.64 -30.66
C GLU C 121 22.70 -30.06 -30.44
N GLN C 122 23.13 -30.71 -31.53
CA GLN C 122 23.76 -32.04 -31.47
C GLN C 122 25.05 -32.07 -30.59
N ARG C 123 26.07 -31.30 -31.00
CA ARG C 123 27.36 -31.25 -30.31
C ARG C 123 27.18 -30.91 -28.85
N ALA C 124 26.09 -30.21 -28.54
CA ALA C 124 25.83 -29.79 -27.17
C ALA C 124 25.20 -30.92 -26.37
N ASP C 125 24.39 -31.72 -27.04
CA ASP C 125 23.70 -32.80 -26.38
C ASP C 125 24.65 -33.96 -25.96
N ASP C 126 25.92 -33.89 -26.38
CA ASP C 126 26.92 -34.94 -26.11
C ASP C 126 27.99 -34.51 -25.13
N MET C 127 27.91 -33.28 -24.65
CA MET C 127 28.89 -32.80 -23.66
C MET C 127 28.74 -33.56 -22.33
N PHE C 128 27.61 -34.28 -22.18
CA PHE C 128 27.47 -35.18 -21.06
C PHE C 128 26.39 -36.24 -21.32
N PRO C 129 26.77 -37.28 -22.09
CA PRO C 129 25.85 -38.31 -22.51
C PRO C 129 25.08 -38.88 -21.34
N GLU C 130 25.70 -38.88 -20.16
CA GLU C 130 25.05 -39.41 -18.94
C GLU C 130 23.91 -38.52 -18.32
N LEU C 131 24.06 -37.19 -18.24
CA LEU C 131 22.90 -36.33 -17.87
C LEU C 131 21.85 -36.29 -18.96
N ARG C 132 22.31 -36.20 -20.20
CA ARG C 132 21.38 -36.35 -21.32
C ARG C 132 20.55 -37.61 -21.06
N ASP C 133 21.23 -38.74 -20.74
CA ASP C 133 20.55 -40.02 -20.60
C ASP C 133 19.70 -40.04 -19.37
N LEU C 134 20.19 -39.37 -18.34
CA LEU C 134 19.37 -39.19 -17.17
C LEU C 134 17.97 -38.59 -17.49
N CYS C 135 17.96 -37.47 -18.23
CA CYS C 135 16.75 -36.80 -18.70
C CYS C 135 15.85 -37.64 -19.63
N HIS C 136 16.42 -38.12 -20.73
CA HIS C 136 15.74 -39.02 -21.65
C HIS C 136 14.95 -40.13 -20.96
N ARG C 137 15.15 -40.39 -19.66
CA ARG C 137 14.37 -41.48 -19.05
C ARG C 137 13.39 -41.09 -17.93
N SER C 138 13.19 -39.80 -17.76
CA SER C 138 12.28 -39.32 -16.74
C SER C 138 11.22 -38.39 -17.35
N VAL C 139 11.64 -37.63 -18.34
CA VAL C 139 10.89 -36.60 -18.98
C VAL C 139 9.68 -37.15 -19.75
N LEU C 140 8.53 -36.50 -19.63
CA LEU C 140 7.41 -36.90 -20.48
C LEU C 140 7.92 -37.03 -21.91
N MET C 141 7.40 -37.95 -22.67
CA MET C 141 7.87 -38.19 -23.99
C MET C 141 7.55 -37.12 -24.99
N VAL C 142 6.45 -36.37 -24.78
CA VAL C 142 6.13 -35.27 -25.70
C VAL C 142 7.28 -34.24 -25.64
N PHE C 143 7.83 -34.05 -24.44
CA PHE C 143 9.00 -33.10 -24.29
C PHE C 143 10.34 -33.74 -24.78
N MET C 144 10.27 -34.85 -25.50
CA MET C 144 11.45 -35.44 -26.16
C MET C 144 11.23 -35.34 -27.65
N SER C 145 9.95 -35.15 -28.03
CA SER C 145 9.55 -35.22 -29.45
C SER C 145 10.22 -34.15 -30.26
N ASP C 146 10.53 -34.42 -31.51
CA ASP C 146 11.15 -33.40 -32.34
C ASP C 146 10.36 -32.12 -32.35
N GLU C 147 9.06 -32.24 -32.14
CA GLU C 147 8.23 -31.04 -32.15
C GLU C 147 8.17 -30.20 -30.89
N TYR C 148 8.26 -30.85 -29.71
CA TYR C 148 8.13 -30.15 -28.40
C TYR C 148 9.35 -30.09 -27.46
N ARG C 149 10.49 -30.61 -27.89
CA ARG C 149 11.66 -30.74 -27.04
C ARG C 149 12.11 -29.32 -26.67
N ALA C 150 12.12 -28.44 -27.69
CA ALA C 150 12.48 -27.06 -27.55
C ALA C 150 11.59 -26.37 -26.58
N PHE C 151 10.31 -26.74 -26.59
CA PHE C 151 9.35 -26.19 -25.60
C PHE C 151 9.63 -26.73 -24.19
N GLY C 152 9.75 -28.02 -24.06
CA GLY C 152 10.18 -28.59 -22.73
C GLY C 152 11.48 -27.88 -22.23
N ASP C 153 12.43 -27.65 -23.12
CA ASP C 153 13.63 -26.91 -22.75
C ASP C 153 13.23 -25.57 -22.16
N GLY C 154 12.30 -24.89 -22.89
CA GLY C 154 11.93 -23.53 -22.50
C GLY C 154 11.20 -23.51 -21.21
N LEU C 155 10.33 -24.49 -21.00
CA LEU C 155 9.67 -24.58 -19.70
C LEU C 155 10.71 -24.67 -18.56
N PHE C 156 11.62 -25.63 -18.65
CA PHE C 156 12.65 -25.85 -17.62
C PHE C 156 13.39 -24.57 -17.38
N LEU C 157 13.91 -24.00 -18.43
CA LEU C 157 14.62 -22.66 -18.31
C LEU C 157 13.83 -21.56 -17.74
N ALA C 158 12.52 -21.51 -18.04
CA ALA C 158 11.72 -20.44 -17.34
C ALA C 158 11.61 -20.74 -15.84
N LEU C 159 11.32 -21.95 -15.54
CA LEU C 159 11.15 -22.33 -14.13
C LEU C 159 12.50 -22.06 -13.32
N ALA C 160 13.62 -22.43 -13.88
CA ALA C 160 14.94 -22.31 -13.22
C ALA C 160 15.31 -20.86 -13.10
N GLU C 161 15.04 -20.07 -14.17
CA GLU C 161 15.27 -18.61 -14.09
C GLU C 161 14.42 -17.86 -13.04
N THR C 162 13.21 -18.29 -12.81
CA THR C 162 12.35 -17.68 -11.71
C THR C 162 12.89 -18.02 -10.32
N THR C 163 13.23 -19.26 -10.17
CA THR C 163 13.83 -19.77 -8.88
C THR C 163 15.12 -18.99 -8.62
N MET C 164 15.94 -18.80 -9.67
CA MET C 164 17.19 -18.02 -9.56
C MET C 164 16.92 -16.68 -9.10
N ASP C 165 15.85 -16.08 -9.66
CA ASP C 165 15.52 -14.71 -9.39
C ASP C 165 15.07 -14.57 -7.98
N PHE C 166 14.17 -15.42 -7.52
CA PHE C 166 13.70 -15.23 -6.14
C PHE C 166 14.83 -15.53 -5.19
N ALA C 167 15.65 -16.50 -5.54
CA ALA C 167 16.72 -16.88 -4.62
C ALA C 167 17.62 -15.71 -4.43
N ALA C 168 17.95 -15.01 -5.53
CA ALA C 168 18.92 -13.89 -5.43
C ALA C 168 18.33 -12.73 -4.72
N ARG C 169 17.04 -12.48 -4.91
CA ARG C 169 16.46 -11.32 -4.31
C ARG C 169 16.08 -11.52 -2.84
N ASP C 170 15.93 -12.74 -2.42
CA ASP C 170 15.53 -13.02 -1.03
C ASP C 170 16.32 -14.22 -0.50
N PRO C 171 17.63 -14.05 -0.27
CA PRO C 171 18.60 -15.02 0.21
C PRO C 171 18.20 -15.87 1.42
N ALA C 172 17.61 -15.25 2.41
CA ALA C 172 17.22 -16.00 3.64
C ALA C 172 16.35 -17.27 3.31
N ARG C 173 15.83 -17.32 2.10
CA ARG C 173 14.89 -18.35 1.71
C ARG C 173 15.35 -18.97 0.43
N ALA C 174 16.54 -18.60 -0.05
CA ALA C 174 17.14 -19.26 -1.22
C ALA C 174 16.88 -20.75 -1.33
N GLY C 175 17.36 -21.51 -0.33
CA GLY C 175 17.12 -22.96 -0.24
C GLY C 175 15.67 -23.39 -0.36
N GLU C 176 14.75 -22.67 0.25
CA GLU C 176 13.28 -22.97 0.07
C GLU C 176 12.79 -22.75 -1.41
N TYR C 177 13.15 -21.63 -2.00
CA TYR C 177 12.73 -21.34 -3.40
C TYR C 177 13.29 -22.41 -4.27
N ILE C 178 14.53 -22.78 -4.02
CA ILE C 178 15.19 -23.75 -4.82
C ILE C 178 14.57 -25.12 -4.76
N ALA C 179 14.16 -25.55 -3.58
CA ALA C 179 13.52 -26.88 -3.45
C ALA C 179 12.02 -26.80 -4.06
N LEU C 180 11.35 -25.69 -3.84
CA LEU C 180 9.94 -25.59 -4.35
C LEU C 180 9.99 -25.60 -5.82
N GLY C 181 11.03 -24.96 -6.36
CA GLY C 181 11.18 -24.92 -7.79
C GLY C 181 11.46 -26.23 -8.36
N PHE C 182 12.36 -26.97 -7.67
CA PHE C 182 12.67 -28.36 -8.17
C PHE C 182 11.45 -29.23 -8.26
N GLU C 183 10.69 -29.34 -7.18
CA GLU C 183 9.47 -30.10 -7.16
C GLU C 183 8.45 -29.58 -8.26
N ALA C 184 8.37 -28.27 -8.43
CA ALA C 184 7.45 -27.72 -9.47
C ALA C 184 7.86 -28.20 -10.82
N MET C 185 9.19 -28.20 -11.09
CA MET C 185 9.73 -28.59 -12.38
C MET C 185 9.54 -30.07 -12.59
N TRP C 186 9.73 -30.83 -11.51
CA TRP C 186 9.69 -32.27 -11.61
C TRP C 186 8.19 -32.73 -11.87
N ARG C 187 7.22 -32.11 -11.24
CA ARG C 187 5.82 -32.42 -11.51
C ARG C 187 5.46 -31.98 -12.95
N ALA C 188 6.07 -30.88 -13.41
CA ALA C 188 5.75 -30.31 -14.72
C ALA C 188 6.31 -31.12 -15.85
N LEU C 189 7.57 -31.59 -15.67
CA LEU C 189 8.20 -32.20 -16.79
C LEU C 189 8.35 -33.72 -16.86
N THR C 190 8.11 -34.43 -15.76
CA THR C 190 8.46 -35.90 -15.72
C THR C 190 7.24 -36.82 -15.80
N ARG C 191 7.50 -38.05 -16.25
CA ARG C 191 6.46 -39.10 -16.40
C ARG C 191 5.83 -39.62 -15.07
N GLU C 192 4.77 -40.42 -15.25
CA GLU C 192 4.07 -41.17 -14.20
C GLU C 192 3.25 -40.23 -13.34
N ASP D 9 -7.97 10.58 -18.42
CA ASP D 9 -7.65 11.21 -19.76
C ASP D 9 -6.13 11.33 -19.95
N LYS D 10 -5.48 12.28 -19.27
CA LYS D 10 -4.01 12.32 -19.30
C LYS D 10 -3.36 11.35 -18.27
N LYS D 11 -4.18 10.96 -17.29
CA LYS D 11 -3.88 9.88 -16.37
C LYS D 11 -3.64 8.60 -17.17
N GLN D 12 -4.50 8.41 -18.18
CA GLN D 12 -4.41 7.25 -19.08
C GLN D 12 -3.14 7.24 -19.92
N ALA D 13 -2.84 8.35 -20.57
CA ALA D 13 -1.57 8.49 -21.31
C ALA D 13 -0.29 8.09 -20.50
N LEU D 14 -0.30 8.40 -19.20
CA LEU D 14 0.81 8.14 -18.27
C LEU D 14 0.93 6.61 -17.97
N LEU D 15 -0.23 6.03 -17.65
CA LEU D 15 -0.43 4.60 -17.57
C LEU D 15 0.15 3.80 -18.74
N GLU D 16 -0.18 4.23 -19.98
CA GLU D 16 0.23 3.50 -21.19
C GLU D 16 1.71 3.59 -21.39
N ALA D 17 2.24 4.78 -21.16
CA ALA D 17 3.69 5.00 -21.27
C ALA D 17 4.48 4.25 -20.19
N ALA D 18 3.93 4.18 -18.98
CA ALA D 18 4.55 3.38 -17.89
C ALA D 18 4.53 1.90 -18.27
N THR D 19 3.43 1.48 -18.88
CA THR D 19 3.33 0.07 -19.38
C THR D 19 4.43 -0.18 -20.41
N GLN D 20 4.44 0.64 -21.48
CA GLN D 20 5.47 0.43 -22.50
C GLN D 20 6.86 0.48 -21.92
N ALA D 21 7.10 1.41 -21.01
CA ALA D 21 8.44 1.58 -20.47
C ALA D 21 8.84 0.45 -19.57
N ILE D 22 7.94 0.06 -18.66
CA ILE D 22 8.25 -1.01 -17.69
C ILE D 22 8.42 -2.37 -18.36
N ALA D 23 7.62 -2.58 -19.42
CA ALA D 23 7.68 -3.79 -20.23
C ALA D 23 9.05 -3.88 -20.91
N GLN D 24 9.50 -2.73 -21.40
CA GLN D 24 10.72 -2.67 -22.18
C GLN D 24 11.96 -2.64 -21.30
N SER D 25 11.89 -1.94 -20.15
CA SER D 25 13.09 -1.69 -19.31
C SER D 25 12.95 -2.12 -17.86
N GLY D 26 11.83 -2.75 -17.53
CA GLY D 26 11.65 -3.18 -16.15
C GLY D 26 11.17 -2.08 -15.22
N ILE D 27 10.95 -2.43 -13.96
CA ILE D 27 10.53 -1.46 -12.95
C ILE D 27 11.54 -0.31 -12.82
N ALA D 28 12.80 -0.57 -13.22
CA ALA D 28 13.86 0.45 -13.25
C ALA D 28 13.56 1.69 -14.13
N ALA D 29 12.69 1.55 -15.14
CA ALA D 29 12.26 2.71 -15.93
C ALA D 29 12.03 3.98 -15.09
N SER D 30 12.62 5.10 -15.53
CA SER D 30 12.54 6.36 -14.82
C SER D 30 11.22 7.09 -15.06
N THR D 31 10.81 7.91 -14.07
CA THR D 31 9.59 8.66 -14.17
C THR D 31 9.74 9.73 -15.23
N ALA D 32 10.99 10.15 -15.45
CA ALA D 32 11.33 11.16 -16.43
C ALA D 32 11.04 10.62 -17.83
N VAL D 33 11.52 9.42 -18.09
CA VAL D 33 11.26 8.71 -19.36
C VAL D 33 9.80 8.47 -19.56
N ILE D 34 9.14 7.97 -18.50
CA ILE D 34 7.69 7.66 -18.54
C ILE D 34 6.87 8.92 -18.86
N ALA D 35 7.14 9.98 -18.09
CA ALA D 35 6.52 11.30 -18.30
C ALA D 35 6.72 11.80 -19.73
N ARG D 36 7.97 11.83 -20.21
CA ARG D 36 8.23 12.30 -21.55
C ARG D 36 7.31 11.60 -22.56
N ASN D 37 7.42 10.26 -22.60
CA ASN D 37 6.70 9.46 -23.57
C ASN D 37 5.18 9.60 -23.48
N ALA D 38 4.71 9.82 -22.25
CA ALA D 38 3.32 10.14 -22.02
C ALA D 38 2.91 11.47 -22.66
N GLY D 39 3.88 12.23 -23.14
CA GLY D 39 3.63 13.58 -23.67
C GLY D 39 3.30 14.63 -22.62
N VAL D 40 4.09 14.61 -21.54
CA VAL D 40 3.89 15.51 -20.39
C VAL D 40 5.21 15.85 -19.64
N ALA D 41 5.07 16.70 -18.63
CA ALA D 41 6.20 17.03 -17.81
C ALA D 41 6.23 16.05 -16.63
N GLU D 42 7.46 15.71 -16.21
CA GLU D 42 7.68 14.78 -15.09
C GLU D 42 6.91 15.18 -13.87
N GLY D 43 6.67 16.48 -13.74
CA GLY D 43 5.88 17.03 -12.61
C GLY D 43 4.40 16.73 -12.78
N THR D 44 3.96 16.63 -14.02
CA THR D 44 2.55 16.24 -14.29
C THR D 44 2.35 14.82 -13.77
N LEU D 45 3.37 13.96 -13.95
CA LEU D 45 3.31 12.57 -13.50
C LEU D 45 3.09 12.50 -12.02
N PHE D 46 3.96 13.19 -11.28
CA PHE D 46 3.86 13.17 -9.83
C PHE D 46 2.64 13.88 -9.28
N ARG D 47 2.00 14.67 -10.14
CA ARG D 47 0.68 15.22 -9.88
C ARG D 47 -0.36 14.08 -9.82
N TYR D 48 -0.37 13.22 -10.83
CA TYR D 48 -1.30 12.10 -10.78
C TYR D 48 -0.91 11.06 -9.78
N PHE D 49 0.39 10.84 -9.63
CA PHE D 49 0.87 9.75 -8.76
C PHE D 49 1.91 10.34 -7.83
N ALA D 50 1.57 10.41 -6.56
CA ALA D 50 2.45 11.11 -5.61
C ALA D 50 3.88 10.56 -5.65
N THR D 51 4.00 9.25 -5.88
CA THR D 51 5.30 8.55 -5.89
C THR D 51 5.33 7.47 -6.97
N LYS D 52 6.52 6.96 -7.27
CA LYS D 52 6.71 5.87 -8.24
C LYS D 52 6.03 4.59 -7.78
N ASP D 53 6.16 4.27 -6.48
CA ASP D 53 5.45 3.13 -5.87
C ASP D 53 3.92 3.15 -6.10
N GLU D 54 3.33 4.32 -6.00
CA GLU D 54 1.89 4.45 -6.19
C GLU D 54 1.54 4.20 -7.66
N LEU D 55 2.46 4.62 -8.52
CA LEU D 55 2.41 4.35 -9.94
C LEU D 55 2.40 2.82 -10.18
N ILE D 56 3.45 2.15 -9.68
CA ILE D 56 3.64 0.71 -9.79
C ILE D 56 2.33 0.00 -9.41
N ASN D 57 1.80 0.31 -8.21
CA ASN D 57 0.55 -0.31 -7.71
C ASN D 57 -0.68 0.06 -8.54
N THR D 58 -0.76 1.30 -8.97
CA THR D 58 -1.95 1.72 -9.70
C THR D 58 -1.97 1.11 -11.09
N LEU D 59 -0.77 1.00 -11.69
CA LEU D 59 -0.62 0.49 -13.07
C LEU D 59 -0.94 -0.98 -13.02
N TYR D 60 -0.48 -1.67 -11.96
CA TYR D 60 -0.76 -3.06 -11.74
C TYR D 60 -2.27 -3.35 -11.67
N LEU D 61 -3.00 -2.62 -10.84
CA LEU D 61 -4.47 -2.75 -10.84
C LEU D 61 -5.10 -2.38 -12.19
N HIS D 62 -4.52 -1.45 -12.92
CA HIS D 62 -5.04 -1.11 -14.23
C HIS D 62 -4.88 -2.31 -15.19
N LEU D 63 -3.66 -2.87 -15.25
CA LEU D 63 -3.40 -4.00 -16.12
C LEU D 63 -4.20 -5.23 -15.67
N LYS D 64 -4.33 -5.42 -14.37
CA LYS D 64 -5.02 -6.55 -13.86
C LYS D 64 -6.53 -6.44 -14.29
N GLN D 65 -7.06 -5.26 -14.17
CA GLN D 65 -8.43 -5.00 -14.54
C GLN D 65 -8.61 -5.23 -16.04
N ASP D 66 -7.67 -4.80 -16.85
CA ASP D 66 -7.76 -4.96 -18.27
C ASP D 66 -7.77 -6.42 -18.67
N LEU D 67 -6.97 -7.20 -17.94
CA LEU D 67 -6.87 -8.63 -18.14
C LEU D 67 -8.12 -9.35 -17.72
N CYS D 68 -8.56 -9.11 -16.48
CA CYS D 68 -9.73 -9.84 -15.95
C CYS D 68 -10.97 -9.58 -16.80
N GLN D 69 -11.11 -8.34 -17.25
CA GLN D 69 -12.23 -7.90 -18.04
C GLN D 69 -12.27 -8.64 -19.34
N SER D 70 -11.09 -8.81 -19.92
CA SER D 70 -10.99 -9.62 -21.13
C SER D 70 -11.32 -11.09 -20.88
N MET D 71 -11.31 -11.53 -19.60
CA MET D 71 -11.39 -12.98 -19.23
C MET D 71 -12.75 -13.31 -18.75
N ILE D 72 -13.31 -12.37 -18.00
CA ILE D 72 -14.70 -12.41 -17.56
C ILE D 72 -15.67 -12.24 -18.76
N MET D 73 -15.17 -11.73 -19.89
CA MET D 73 -15.99 -11.62 -21.13
C MET D 73 -15.87 -12.86 -22.06
N GLU D 74 -15.41 -13.95 -21.46
CA GLU D 74 -15.11 -15.14 -22.20
C GLU D 74 -15.56 -16.30 -21.34
N LEU D 75 -15.81 -15.98 -20.07
CA LEU D 75 -16.09 -16.97 -19.05
C LEU D 75 -17.54 -17.39 -19.10
N ASP D 76 -17.73 -18.68 -18.85
CA ASP D 76 -19.02 -19.35 -18.80
C ASP D 76 -19.40 -19.61 -17.31
N ARG D 77 -20.69 -19.59 -17.00
CA ARG D 77 -21.20 -19.83 -15.65
C ARG D 77 -21.25 -21.33 -15.41
N SER D 78 -22.09 -22.00 -16.22
CA SER D 78 -22.43 -23.43 -16.13
C SER D 78 -21.28 -24.42 -15.90
N ILE D 79 -20.07 -24.01 -16.28
CA ILE D 79 -18.86 -24.79 -16.01
C ILE D 79 -18.78 -25.16 -14.53
N THR D 80 -18.07 -26.24 -14.25
CA THR D 80 -17.96 -26.68 -12.86
C THR D 80 -16.55 -27.12 -12.46
N ASP D 81 -15.98 -28.12 -13.19
CA ASP D 81 -14.74 -28.81 -12.82
C ASP D 81 -13.55 -27.86 -12.69
N ALA D 82 -13.00 -27.77 -11.48
CA ALA D 82 -11.90 -26.85 -11.11
C ALA D 82 -10.78 -26.75 -12.15
N LYS D 83 -10.40 -27.89 -12.72
CA LYS D 83 -9.38 -27.96 -13.78
C LYS D 83 -9.85 -27.40 -15.12
N MET D 84 -11.14 -27.51 -15.43
CA MET D 84 -11.71 -27.02 -16.69
C MET D 84 -11.89 -25.50 -16.61
N MET D 85 -12.31 -25.07 -15.44
CA MET D 85 -12.39 -23.67 -15.15
C MET D 85 -11.02 -23.10 -15.37
N THR D 86 -10.05 -23.64 -14.60
CA THR D 86 -8.66 -23.18 -14.63
C THR D 86 -8.13 -23.07 -16.05
N ARG D 87 -8.41 -24.09 -16.84
CA ARG D 87 -7.98 -24.13 -18.17
C ARG D 87 -8.55 -22.95 -19.04
N PHE D 88 -9.79 -22.50 -18.77
CA PHE D 88 -10.39 -21.39 -19.55
C PHE D 88 -9.68 -20.12 -19.19
N ILE D 89 -9.41 -20.01 -17.90
CA ILE D 89 -8.65 -18.88 -17.36
C ILE D 89 -7.24 -18.84 -18.02
N TRP D 90 -6.59 -20.00 -18.15
CA TRP D 90 -5.21 -20.06 -18.69
C TRP D 90 -5.27 -19.62 -20.14
N ASN D 91 -6.21 -20.15 -20.89
CA ASN D 91 -6.42 -19.79 -22.32
C ASN D 91 -6.67 -18.33 -22.47
N SER D 92 -7.46 -17.78 -21.57
CA SER D 92 -7.67 -16.25 -21.65
C SER D 92 -6.40 -15.47 -21.34
N TYR D 93 -5.70 -15.83 -20.26
CA TYR D 93 -4.41 -15.20 -19.93
C TYR D 93 -3.45 -15.20 -21.13
N ILE D 94 -3.27 -16.38 -21.68
CA ILE D 94 -2.48 -16.51 -22.87
C ILE D 94 -2.98 -15.58 -24.04
N SER D 95 -4.27 -15.63 -24.37
CA SER D 95 -4.78 -14.84 -25.47
C SER D 95 -4.56 -13.34 -25.21
N TRP D 96 -4.83 -12.92 -24.00
CA TRP D 96 -4.53 -11.51 -23.62
C TRP D 96 -3.06 -11.20 -23.84
N GLY D 97 -2.17 -12.10 -23.43
CA GLY D 97 -0.74 -11.78 -23.66
C GLY D 97 -0.28 -11.76 -25.07
N LEU D 98 -0.74 -12.72 -25.88
CA LEU D 98 -0.44 -12.64 -27.33
C LEU D 98 -0.97 -11.32 -27.99
N ASN D 99 -2.18 -10.88 -27.62
CA ASN D 99 -2.73 -9.60 -28.12
C ASN D 99 -2.01 -8.34 -27.52
N HIS D 100 -1.64 -8.39 -26.24
CA HIS D 100 -0.96 -7.26 -25.61
C HIS D 100 0.41 -7.66 -25.04
N PRO D 101 1.44 -7.70 -25.88
CA PRO D 101 2.80 -8.09 -25.45
C PRO D 101 3.37 -7.18 -24.34
N ALA D 102 3.18 -5.87 -24.47
CA ALA D 102 3.66 -4.97 -23.42
C ALA D 102 2.88 -5.14 -22.12
N ARG D 103 1.57 -5.32 -22.18
CA ARG D 103 0.81 -5.36 -20.95
C ARG D 103 1.25 -6.56 -20.16
N HIS D 104 1.34 -7.72 -20.82
CA HIS D 104 1.82 -8.92 -20.12
C HIS D 104 3.21 -8.70 -19.51
N ARG D 105 4.09 -8.06 -20.27
CA ARG D 105 5.45 -7.79 -19.83
C ARG D 105 5.53 -6.88 -18.62
N ALA D 106 4.65 -5.87 -18.61
CA ALA D 106 4.62 -4.94 -17.53
C ALA D 106 4.15 -5.65 -16.29
N ILE D 107 2.94 -6.21 -16.43
CA ILE D 107 2.27 -6.90 -15.31
C ILE D 107 3.11 -8.06 -14.70
N ARG D 108 3.79 -8.85 -15.54
CA ARG D 108 4.71 -9.86 -15.03
C ARG D 108 5.82 -9.28 -14.15
N GLN D 109 6.40 -8.16 -14.58
CA GLN D 109 7.40 -7.45 -13.79
C GLN D 109 6.84 -6.79 -12.53
N LEU D 110 5.61 -6.28 -12.61
CA LEU D 110 4.97 -5.62 -11.49
C LEU D 110 4.59 -6.68 -10.45
N ALA D 111 3.87 -7.71 -10.91
CA ALA D 111 3.34 -8.73 -10.05
C ALA D 111 4.36 -9.16 -8.99
N VAL D 112 5.62 -9.30 -9.37
CA VAL D 112 6.65 -9.64 -8.43
C VAL D 112 7.81 -8.61 -8.23
N SER D 113 7.45 -7.35 -7.86
CA SER D 113 8.44 -6.28 -7.67
C SER D 113 8.68 -5.96 -6.21
N GLU D 114 7.86 -6.50 -5.33
CA GLU D 114 7.96 -6.15 -3.91
C GLU D 114 7.64 -4.68 -3.61
N LYS D 115 6.84 -4.06 -4.48
CA LYS D 115 6.41 -2.66 -4.32
C LYS D 115 4.93 -2.66 -4.09
N LEU D 116 4.24 -3.68 -4.59
CA LEU D 116 2.79 -3.73 -4.45
C LEU D 116 2.42 -3.93 -2.98
N THR D 117 1.38 -3.22 -2.58
CA THR D 117 0.93 -3.24 -1.20
C THR D 117 -0.09 -4.37 -1.00
N LYS D 118 -0.40 -4.67 0.26
CA LYS D 118 -1.40 -5.67 0.58
C LYS D 118 -2.77 -5.28 0.02
N GLU D 119 -3.10 -3.99 0.08
CA GLU D 119 -4.40 -3.53 -0.39
C GLU D 119 -4.49 -3.74 -1.87
N THR D 120 -3.38 -3.43 -2.56
CA THR D 120 -3.31 -3.66 -4.00
C THR D 120 -3.61 -5.13 -4.32
N GLU D 121 -2.85 -6.01 -3.67
CA GLU D 121 -3.02 -7.43 -3.79
C GLU D 121 -4.45 -7.84 -3.51
N GLN D 122 -4.99 -7.35 -2.39
CA GLN D 122 -6.37 -7.58 -2.00
C GLN D 122 -7.37 -7.12 -3.05
N ARG D 123 -7.22 -5.88 -3.53
CA ARG D 123 -8.10 -5.35 -4.56
C ARG D 123 -8.03 -6.15 -5.85
N ALA D 124 -6.81 -6.54 -6.19
CA ALA D 124 -6.56 -7.31 -7.40
C ALA D 124 -7.29 -8.67 -7.36
N ASP D 125 -7.19 -9.36 -6.22
CA ASP D 125 -7.89 -10.64 -5.96
C ASP D 125 -9.45 -10.55 -5.99
N ASP D 126 -9.99 -9.50 -5.38
CA ASP D 126 -11.42 -9.19 -5.45
C ASP D 126 -11.88 -8.61 -6.80
N MET D 127 -11.09 -8.81 -7.86
CA MET D 127 -11.47 -8.38 -9.21
C MET D 127 -12.02 -9.56 -9.96
N PHE D 128 -11.49 -10.73 -9.63
CA PHE D 128 -11.96 -11.95 -10.27
C PHE D 128 -12.22 -13.01 -9.20
N PRO D 129 -13.32 -12.83 -8.43
CA PRO D 129 -13.67 -13.67 -7.28
C PRO D 129 -13.84 -15.16 -7.61
N GLU D 130 -13.93 -15.49 -8.90
CA GLU D 130 -13.96 -16.87 -9.37
C GLU D 130 -12.56 -17.46 -9.38
N LEU D 131 -11.59 -16.61 -9.70
CA LEU D 131 -10.17 -17.02 -9.74
C LEU D 131 -9.68 -17.22 -8.32
N ARG D 132 -9.84 -16.20 -7.48
CA ARG D 132 -9.51 -16.36 -6.08
C ARG D 132 -10.13 -17.64 -5.49
N ASP D 133 -11.43 -17.86 -5.71
CA ASP D 133 -12.13 -19.03 -5.15
C ASP D 133 -11.49 -20.34 -5.63
N LEU D 134 -11.27 -20.40 -6.95
CA LEU D 134 -10.63 -21.52 -7.63
C LEU D 134 -9.24 -21.86 -7.11
N CYS D 135 -8.40 -20.84 -6.94
CA CYS D 135 -7.05 -21.04 -6.45
C CYS D 135 -7.04 -21.61 -5.05
N HIS D 136 -7.94 -21.14 -4.20
CA HIS D 136 -8.16 -21.71 -2.86
C HIS D 136 -8.70 -23.17 -2.86
N ARG D 137 -9.04 -23.68 -4.04
CA ARG D 137 -9.56 -25.04 -4.15
C ARG D 137 -8.67 -25.99 -4.93
N SER D 138 -7.50 -25.51 -5.34
CA SER D 138 -6.66 -26.30 -6.23
C SER D 138 -5.18 -26.17 -5.96
N VAL D 139 -4.74 -24.93 -5.76
CA VAL D 139 -3.35 -24.58 -5.54
C VAL D 139 -2.74 -25.22 -4.29
N LEU D 140 -1.51 -25.72 -4.44
CA LEU D 140 -0.71 -26.14 -3.29
C LEU D 140 -0.71 -25.07 -2.22
N MET D 141 -1.05 -25.46 -1.01
CA MET D 141 -1.11 -24.57 0.14
C MET D 141 0.12 -23.71 0.39
N VAL D 142 1.30 -24.22 0.08
CA VAL D 142 2.47 -23.40 0.25
C VAL D 142 2.51 -22.20 -0.66
N PHE D 143 1.98 -22.35 -1.85
CA PHE D 143 2.02 -21.27 -2.85
C PHE D 143 0.89 -20.29 -2.51
N MET D 144 0.24 -20.50 -1.37
CA MET D 144 -0.80 -19.57 -0.94
C MET D 144 -0.32 -18.67 0.21
N SER D 145 0.69 -19.14 0.94
CA SER D 145 1.24 -18.39 2.05
C SER D 145 1.86 -17.04 1.63
N ASP D 146 1.94 -16.11 2.57
CA ASP D 146 2.48 -14.77 2.28
C ASP D 146 3.94 -14.91 1.91
N GLU D 147 4.54 -15.94 2.45
CA GLU D 147 5.96 -16.18 2.26
C GLU D 147 6.26 -16.67 0.82
N TYR D 148 5.35 -17.44 0.20
CA TYR D 148 5.66 -18.05 -1.14
C TYR D 148 4.71 -17.74 -2.28
N ARG D 149 3.70 -16.92 -2.03
CA ARG D 149 2.69 -16.60 -3.02
C ARG D 149 3.29 -15.86 -4.22
N ALA D 150 4.24 -14.99 -4.00
CA ALA D 150 4.79 -14.26 -5.08
C ALA D 150 5.58 -15.22 -5.99
N PHE D 151 6.18 -16.25 -5.33
CA PHE D 151 6.94 -17.25 -6.09
C PHE D 151 6.00 -18.09 -6.99
N GLY D 152 4.89 -18.52 -6.44
CA GLY D 152 3.95 -19.32 -7.17
C GLY D 152 3.36 -18.52 -8.33
N ASP D 153 3.23 -17.20 -8.14
CA ASP D 153 2.84 -16.31 -9.23
C ASP D 153 3.94 -16.22 -10.25
N GLY D 154 5.21 -16.03 -9.76
CA GLY D 154 6.33 -15.96 -10.70
C GLY D 154 6.39 -17.24 -11.51
N LEU D 155 6.04 -18.37 -10.91
CA LEU D 155 6.21 -19.72 -11.61
C LEU D 155 5.09 -19.82 -12.70
N PHE D 156 3.90 -19.48 -12.32
CA PHE D 156 2.76 -19.41 -13.22
C PHE D 156 3.09 -18.50 -14.38
N LEU D 157 3.48 -17.26 -14.08
CA LEU D 157 3.88 -16.24 -15.05
C LEU D 157 4.99 -16.65 -15.97
N ALA D 158 6.05 -17.31 -15.43
CA ALA D 158 7.15 -17.81 -16.29
C ALA D 158 6.65 -18.85 -17.29
N LEU D 159 5.81 -19.73 -16.85
CA LEU D 159 5.32 -20.77 -17.68
C LEU D 159 4.31 -20.17 -18.76
N ALA D 160 3.58 -19.09 -18.38
CA ALA D 160 2.61 -18.49 -19.27
C ALA D 160 3.38 -17.75 -20.36
N GLU D 161 4.41 -17.03 -19.98
CA GLU D 161 5.27 -16.28 -20.93
C GLU D 161 5.94 -17.16 -21.91
N THR D 162 6.48 -18.26 -21.46
CA THR D 162 7.08 -19.21 -22.40
C THR D 162 6.01 -19.82 -23.36
N THR D 163 4.86 -20.15 -22.85
CA THR D 163 3.84 -20.65 -23.70
C THR D 163 3.52 -19.57 -24.75
N MET D 164 3.54 -18.30 -24.34
CA MET D 164 3.30 -17.16 -25.24
C MET D 164 4.39 -17.05 -26.29
N ASP D 165 5.67 -17.26 -25.90
CA ASP D 165 6.77 -17.06 -26.89
C ASP D 165 6.66 -18.08 -27.99
N PHE D 166 6.53 -19.34 -27.61
CA PHE D 166 6.43 -20.40 -28.60
C PHE D 166 5.16 -20.25 -29.48
N ALA D 167 4.02 -19.99 -28.85
CA ALA D 167 2.79 -19.87 -29.59
C ALA D 167 2.98 -18.81 -30.62
N ALA D 168 3.54 -17.67 -30.20
CA ALA D 168 3.76 -16.50 -31.05
C ALA D 168 4.64 -16.73 -32.23
N ARG D 169 5.58 -17.67 -32.14
CA ARG D 169 6.53 -17.89 -33.21
C ARG D 169 6.23 -19.13 -34.01
N ASP D 170 5.26 -19.90 -33.57
CA ASP D 170 4.80 -21.09 -34.29
C ASP D 170 3.26 -21.19 -34.22
N PRO D 171 2.57 -20.29 -34.91
CA PRO D 171 1.14 -20.21 -34.91
C PRO D 171 0.48 -21.54 -35.26
N ALA D 172 1.13 -22.28 -36.16
CA ALA D 172 0.55 -23.58 -36.58
C ALA D 172 0.36 -24.52 -35.41
N ARG D 173 1.14 -24.30 -34.35
CA ARG D 173 1.10 -25.16 -33.18
C ARG D 173 0.77 -24.40 -31.90
N ALA D 174 0.23 -23.17 -32.04
CA ALA D 174 -0.12 -22.39 -30.82
C ALA D 174 -0.94 -23.20 -29.85
N GLY D 175 -1.90 -23.95 -30.38
CA GLY D 175 -2.83 -24.68 -29.52
C GLY D 175 -2.19 -25.79 -28.71
N GLU D 176 -1.36 -26.61 -29.34
CA GLU D 176 -0.62 -27.64 -28.61
C GLU D 176 0.24 -26.99 -27.46
N TYR D 177 1.04 -25.98 -27.83
CA TYR D 177 1.81 -25.19 -26.88
C TYR D 177 0.98 -24.79 -25.69
N ILE D 178 -0.25 -24.27 -26.00
CA ILE D 178 -1.10 -23.68 -24.94
C ILE D 178 -1.62 -24.79 -24.12
N ALA D 179 -1.91 -25.92 -24.77
CA ALA D 179 -2.31 -27.13 -24.05
C ALA D 179 -1.18 -27.78 -23.21
N LEU D 180 -0.02 -27.91 -23.77
CA LEU D 180 1.15 -28.49 -23.02
C LEU D 180 1.55 -27.54 -21.87
N GLY D 181 1.57 -26.24 -22.17
CA GLY D 181 1.86 -25.29 -21.15
C GLY D 181 0.93 -25.40 -20.01
N PHE D 182 -0.40 -25.51 -20.34
CA PHE D 182 -1.40 -25.57 -19.26
C PHE D 182 -1.20 -26.71 -18.33
N GLU D 183 -1.13 -27.90 -18.89
CA GLU D 183 -0.95 -29.16 -18.14
C GLU D 183 0.35 -29.13 -17.29
N ALA D 184 1.44 -28.58 -17.83
CA ALA D 184 2.70 -28.47 -17.06
C ALA D 184 2.44 -27.59 -15.86
N MET D 185 1.73 -26.45 -16.07
CA MET D 185 1.51 -25.48 -14.97
C MET D 185 0.62 -26.10 -13.94
N TRP D 186 -0.39 -26.85 -14.40
CA TRP D 186 -1.34 -27.42 -13.46
C TRP D 186 -0.64 -28.49 -12.60
N ARG D 187 0.16 -29.33 -13.22
CA ARG D 187 0.99 -30.26 -12.40
C ARG D 187 1.95 -29.52 -11.43
N ALA D 188 2.49 -28.37 -11.83
CA ALA D 188 3.49 -27.69 -11.00
C ALA D 188 2.90 -26.98 -9.81
N LEU D 189 1.69 -26.43 -9.94
CA LEU D 189 1.11 -25.60 -8.90
C LEU D 189 -0.11 -26.15 -8.15
N THR D 190 -0.70 -27.26 -8.59
CA THR D 190 -1.89 -27.72 -7.89
C THR D 190 -1.74 -29.02 -7.10
N ARG D 191 -2.80 -29.30 -6.33
CA ARG D 191 -2.93 -30.49 -5.52
C ARG D 191 -3.36 -31.65 -6.38
#